data_1CXL
#
_entry.id   1CXL
#
_cell.length_a   117.071
_cell.length_b   109.281
_cell.length_c   65.335
_cell.angle_alpha   90.00
_cell.angle_beta   90.00
_cell.angle_gamma   90.00
#
_symmetry.space_group_name_H-M   'P 21 21 21'
#
loop_
_entity.id
_entity.type
_entity.pdbx_description
1 polymer 'PROTEIN (CYCLODEXTRIN-GLYCOSYLTRANSFERASE)'
2 branched 4-deoxy-alpha-D-glucopyranose-(1-4)-alpha-D-glucopyranose-(1-4)-alpha-D-glucopyranose
3 branched 4-deoxy-alpha-D-glucopyranose-(1-4)-alpha-D-glucopyranose
4 branched '4-deoxy-alpha-D-glucopyranose-(1-4)-alpha-D-glucopyranose-(1-4)-alpha-D-glucopyranosyl fluoride'
5 non-polymer 'CALCIUM ION'
6 non-polymer (4S)-2-METHYL-2,4-PENTANEDIOL
7 water water
#
_entity_poly.entity_id   1
_entity_poly.type   'polypeptide(L)'
_entity_poly.pdbx_seq_one_letter_code
;APDTSVSNKQNFSTDVIYQIFTDRFSDGNPANNPTGAAFDGTCTNLRLYCGGDWQGIINKINDGYLTGMGVTAIWISQPV
ENIYSIINYSGVNNTAYHGYWARDFKKTNPAYGTIADFQNLIAAAHAKNIKVIIDFAPNHTSPASSDQPSFAENGRLYDN
GTLLGGYTNDTQNLFHHNGGTDFSTTENGIYKNLYDLADLNHNNSTVDVYLKDAIKMWLDLGIDGIRMDAVKHMPFGWQK
SFMAAVNNYKPVFTFGQWFLGVNEVSPENHKFANESGMSLLDFRFAQKVRQVFRDNTDNMYGLKAMLEGSAADYAQVDDQ
VTFIDNHDMERFHASNANRRKLEQALAFTLTSRGVPAIYYGTEQYMSGGTDPDNRARIPSFSTSTTAYQVIQKLAPLRKS
NPAIAYGSTQERWINNDVLIYERKFGSNVAVVAVNRNLNAPASISGLVTSLPQGSYNDVLGGLLNGNTLSVGSGGAASNF
TLAAGGTAVWQYTAATATPTIGHVGPMMAKPGVTITIDGRGFGSSKGTVYFGTTAVSGADITSWEDTQIKVKIPAVAGGN
YNIKVANAAGTASNVYDNFEVLSGDQVSVRFVVNNATTALGQNVYLTGSVSELGNWDPAKAIGPMYNQVVYQYPNWYYDV
SVPAGKTIEFKFLKKQGSTVTWEGGSNHTFTAPSSGTATINVNWQP
;
_entity_poly.pdbx_strand_id   A
#
loop_
_chem_comp.id
_chem_comp.type
_chem_comp.name
_chem_comp.formula
CA non-polymer 'CALCIUM ION' 'Ca 2'
G4D D-saccharide, alpha linking 4-deoxy-alpha-D-glucopyranose 'C6 H12 O5'
GLC D-saccharide, alpha linking alpha-D-glucopyranose 'C6 H12 O6'
GLF D-saccharide 'alpha-D-glucopyranosyl fluoride' 'C6 H11 F O5'
MPD non-polymer (4S)-2-METHYL-2,4-PENTANEDIOL 'C6 H14 O2'
#
# COMPACT_ATOMS: atom_id res chain seq x y z
N ALA A 1 16.42 -17.65 -5.07
CA ALA A 1 16.42 -16.39 -5.76
C ALA A 1 16.81 -15.27 -4.82
N PRO A 2 17.38 -14.20 -5.36
CA PRO A 2 17.79 -13.08 -4.53
C PRO A 2 16.60 -12.18 -4.21
N ASP A 3 16.74 -11.38 -3.15
CA ASP A 3 15.68 -10.48 -2.72
C ASP A 3 15.15 -9.58 -3.82
N THR A 4 16.04 -9.20 -4.74
CA THR A 4 15.73 -8.28 -5.85
C THR A 4 15.04 -8.92 -7.05
N SER A 5 14.84 -10.23 -7.00
CA SER A 5 14.23 -10.93 -8.13
C SER A 5 12.78 -10.52 -8.42
N VAL A 6 12.41 -10.58 -9.68
CA VAL A 6 11.05 -10.24 -10.05
C VAL A 6 10.06 -11.23 -9.43
N SER A 7 10.56 -12.41 -9.06
CA SER A 7 9.72 -13.44 -8.48
C SER A 7 9.34 -13.16 -7.03
N ASN A 8 9.96 -12.16 -6.43
CA ASN A 8 9.66 -11.84 -5.03
C ASN A 8 8.35 -11.05 -4.89
N LYS A 9 7.25 -11.76 -4.66
CA LYS A 9 5.95 -11.08 -4.54
C LYS A 9 5.71 -10.47 -3.15
N GLN A 10 6.60 -10.73 -2.19
CA GLN A 10 6.39 -10.26 -0.83
C GLN A 10 7.08 -8.95 -0.48
N ASN A 11 7.99 -8.52 -1.33
CA ASN A 11 8.78 -7.35 -1.04
C ASN A 11 8.92 -6.46 -2.26
N PHE A 12 8.50 -5.19 -2.12
CA PHE A 12 8.59 -4.23 -3.23
C PHE A 12 9.53 -3.08 -2.91
N SER A 13 10.20 -3.18 -1.76
CA SER A 13 11.11 -2.12 -1.31
C SER A 13 12.30 -1.87 -2.24
N THR A 14 12.65 -2.88 -3.04
CA THR A 14 13.76 -2.73 -3.98
C THR A 14 13.24 -2.34 -5.34
N ASP A 15 11.93 -2.17 -5.43
CA ASP A 15 11.32 -1.80 -6.70
C ASP A 15 10.90 -0.34 -6.79
N VAL A 16 10.56 0.03 -8.00
CA VAL A 16 9.99 1.34 -8.32
C VAL A 16 8.72 1.08 -9.10
N ILE A 17 7.59 1.45 -8.51
CA ILE A 17 6.28 1.24 -9.13
C ILE A 17 5.89 2.37 -10.07
N TYR A 18 5.33 2.01 -11.22
CA TYR A 18 4.83 2.97 -12.19
C TYR A 18 3.32 2.77 -12.24
N GLN A 19 2.56 3.78 -11.78
CA GLN A 19 1.11 3.69 -11.73
C GLN A 19 0.48 4.06 -13.05
N ILE A 20 -0.06 3.05 -13.72
CA ILE A 20 -0.66 3.24 -15.03
C ILE A 20 -2.19 3.33 -15.02
N PHE A 21 -2.71 4.41 -15.62
CA PHE A 21 -4.15 4.57 -15.83
C PHE A 21 -4.31 3.93 -17.17
N THR A 22 -4.65 2.65 -17.15
CA THR A 22 -4.74 1.83 -18.35
C THR A 22 -5.28 2.49 -19.60
N ASP A 23 -6.43 3.11 -19.46
CA ASP A 23 -7.08 3.74 -20.60
C ASP A 23 -6.30 4.90 -21.20
N ARG A 24 -5.45 5.50 -20.38
CA ARG A 24 -4.71 6.68 -20.77
C ARG A 24 -3.26 6.50 -21.13
N PHE A 25 -2.80 5.26 -21.17
CA PHE A 25 -1.41 4.96 -21.45
C PHE A 25 -1.13 4.64 -22.92
N SER A 26 -1.59 3.50 -23.38
CA SER A 26 -1.35 3.13 -24.75
C SER A 26 -2.42 2.19 -25.29
N ASP A 27 -3.05 2.58 -26.39
CA ASP A 27 -4.07 1.75 -27.02
C ASP A 27 -3.37 0.80 -27.98
N GLY A 28 -3.04 -0.40 -27.51
CA GLY A 28 -2.33 -1.37 -28.34
C GLY A 28 -3.27 -2.22 -29.19
N ASN A 29 -4.55 -2.16 -28.92
CA ASN A 29 -5.52 -2.92 -29.67
C ASN A 29 -6.77 -2.12 -29.85
N PRO A 30 -6.86 -1.43 -30.96
CA PRO A 30 -8.00 -0.59 -31.23
C PRO A 30 -9.28 -1.37 -31.39
N ALA A 31 -9.13 -2.66 -31.64
CA ALA A 31 -10.30 -3.51 -31.84
C ALA A 31 -11.15 -3.70 -30.58
N ASN A 32 -10.56 -3.47 -29.40
CA ASN A 32 -11.32 -3.62 -28.17
C ASN A 32 -11.82 -2.29 -27.64
N ASN A 33 -11.65 -1.24 -28.41
CA ASN A 33 -12.08 0.07 -27.99
C ASN A 33 -13.58 0.15 -27.88
N PRO A 34 -14.07 0.82 -26.84
CA PRO A 34 -15.49 0.99 -26.74
C PRO A 34 -15.91 1.87 -27.90
N THR A 35 -17.20 2.03 -28.10
CA THR A 35 -17.64 2.80 -29.22
C THR A 35 -18.69 3.82 -28.91
N GLY A 36 -18.98 4.64 -29.92
CA GLY A 36 -19.98 5.66 -29.83
C GLY A 36 -19.77 6.67 -28.72
N ALA A 37 -20.86 6.94 -28.01
CA ALA A 37 -20.88 7.90 -26.94
C ALA A 37 -19.96 7.56 -25.78
N ALA A 38 -19.45 6.35 -25.74
CA ALA A 38 -18.57 5.97 -24.65
C ALA A 38 -17.11 6.13 -25.01
N PHE A 39 -16.85 6.56 -26.24
CA PHE A 39 -15.50 6.64 -26.69
C PHE A 39 -15.08 7.97 -27.31
N ASP A 40 -13.79 8.26 -27.18
CA ASP A 40 -13.14 9.43 -27.75
C ASP A 40 -11.68 9.13 -28.04
N GLY A 41 -11.43 8.62 -29.24
CA GLY A 41 -10.11 8.25 -29.67
C GLY A 41 -9.10 9.36 -29.54
N THR A 42 -9.58 10.61 -29.56
CA THR A 42 -8.66 11.73 -29.44
C THR A 42 -8.33 12.02 -27.99
N CYS A 43 -9.09 11.41 -27.10
CA CYS A 43 -8.89 11.62 -25.68
C CYS A 43 -9.00 13.10 -25.30
N THR A 44 -9.96 13.77 -25.92
CA THR A 44 -10.21 15.16 -25.61
C THR A 44 -11.18 15.24 -24.46
N ASN A 45 -12.16 14.36 -24.52
CA ASN A 45 -13.16 14.24 -23.49
C ASN A 45 -12.64 13.24 -22.47
N LEU A 46 -12.02 13.77 -21.42
CA LEU A 46 -11.39 12.99 -20.37
C LEU A 46 -12.28 12.09 -19.52
N ARG A 47 -13.59 12.08 -19.77
CA ARG A 47 -14.47 11.23 -18.99
C ARG A 47 -14.95 10.00 -19.76
N LEU A 48 -14.52 9.93 -21.01
CA LEU A 48 -14.88 8.82 -21.88
C LEU A 48 -13.68 7.90 -22.05
N TYR A 49 -13.90 6.74 -22.63
CA TYR A 49 -12.78 5.83 -22.85
C TYR A 49 -11.93 6.39 -23.98
N CYS A 50 -10.61 6.28 -23.85
CA CYS A 50 -9.70 6.75 -24.87
C CYS A 50 -9.09 5.60 -25.68
N GLY A 51 -9.18 4.38 -25.11
CA GLY A 51 -8.69 3.20 -25.82
C GLY A 51 -7.46 2.49 -25.23
N GLY A 52 -6.80 3.10 -24.24
CA GLY A 52 -5.61 2.48 -23.65
C GLY A 52 -5.94 1.10 -23.10
N ASP A 53 -5.06 0.12 -23.34
CA ASP A 53 -5.34 -1.23 -22.91
C ASP A 53 -4.11 -2.05 -22.53
N TRP A 54 -4.33 -3.32 -22.19
CA TRP A 54 -3.24 -4.19 -21.79
C TRP A 54 -2.24 -4.42 -22.90
N GLN A 55 -2.73 -4.54 -24.13
CA GLN A 55 -1.82 -4.75 -25.23
C GLN A 55 -0.85 -3.58 -25.32
N GLY A 56 -1.37 -2.41 -25.01
CA GLY A 56 -0.57 -1.20 -25.04
C GLY A 56 0.55 -1.26 -24.01
N ILE A 57 0.20 -1.72 -22.79
CA ILE A 57 1.19 -1.84 -21.72
C ILE A 57 2.25 -2.84 -22.16
N ILE A 58 1.80 -3.94 -22.73
CA ILE A 58 2.72 -4.94 -23.23
C ILE A 58 3.69 -4.31 -24.23
N ASN A 59 3.16 -3.48 -25.12
CA ASN A 59 4.04 -2.84 -26.10
C ASN A 59 5.10 -1.97 -25.47
N LYS A 60 4.67 -1.19 -24.47
CA LYS A 60 5.57 -0.28 -23.78
C LYS A 60 6.58 -1.01 -22.92
N ILE A 61 6.23 -2.22 -22.54
CA ILE A 61 7.14 -3.03 -21.78
C ILE A 61 8.21 -3.57 -22.71
N ASN A 62 7.75 -3.98 -23.88
CA ASN A 62 8.62 -4.56 -24.88
C ASN A 62 9.50 -3.56 -25.62
N ASP A 63 9.05 -2.33 -25.77
CA ASP A 63 9.83 -1.35 -26.49
C ASP A 63 10.84 -0.53 -25.67
N GLY A 64 11.00 -0.88 -24.39
CA GLY A 64 11.97 -0.24 -23.51
C GLY A 64 11.56 1.04 -22.78
N TYR A 65 10.36 1.55 -23.00
CA TYR A 65 9.96 2.78 -22.32
C TYR A 65 10.09 2.68 -20.80
N LEU A 66 9.48 1.64 -20.24
CA LEU A 66 9.49 1.41 -18.82
C LEU A 66 10.83 0.92 -18.32
N THR A 67 11.36 -0.10 -18.99
CA THR A 67 12.64 -0.66 -18.59
C THR A 67 13.76 0.35 -18.65
N GLY A 68 13.74 1.21 -19.65
CA GLY A 68 14.78 2.20 -19.82
C GLY A 68 14.77 3.24 -18.70
N MET A 69 13.65 3.32 -18.02
CA MET A 69 13.47 4.26 -16.93
C MET A 69 13.83 3.65 -15.59
N GLY A 70 14.00 2.34 -15.55
CA GLY A 70 14.32 1.68 -14.30
C GLY A 70 13.07 1.25 -13.52
N VAL A 71 11.92 1.36 -14.14
CA VAL A 71 10.67 0.94 -13.52
C VAL A 71 10.71 -0.57 -13.40
N THR A 72 10.34 -1.09 -12.24
CA THR A 72 10.39 -2.54 -12.02
C THR A 72 9.09 -3.15 -11.59
N ALA A 73 8.05 -2.33 -11.57
CA ALA A 73 6.74 -2.79 -11.18
C ALA A 73 5.70 -1.84 -11.73
N ILE A 74 4.54 -2.36 -12.08
CA ILE A 74 3.47 -1.52 -12.58
C ILE A 74 2.23 -1.75 -11.76
N TRP A 75 1.49 -0.68 -11.52
CA TRP A 75 0.23 -0.75 -10.80
C TRP A 75 -0.82 -0.31 -11.81
N ILE A 76 -1.64 -1.26 -12.25
CA ILE A 76 -2.63 -0.97 -13.28
C ILE A 76 -4.04 -0.79 -12.76
N SER A 77 -4.87 -0.14 -13.58
CA SER A 77 -6.27 0.09 -13.23
C SER A 77 -6.92 -1.23 -12.84
N GLN A 78 -7.96 -1.19 -11.99
CA GLN A 78 -8.68 -2.42 -11.58
C GLN A 78 -9.06 -3.19 -12.86
N PRO A 79 -8.67 -4.46 -12.94
CA PRO A 79 -8.87 -5.22 -14.18
C PRO A 79 -10.23 -5.85 -14.39
N VAL A 80 -11.04 -5.87 -13.35
CA VAL A 80 -12.36 -6.49 -13.39
C VAL A 80 -13.39 -5.75 -14.26
N GLU A 81 -14.38 -6.52 -14.71
CA GLU A 81 -15.43 -5.98 -15.55
C GLU A 81 -16.18 -4.88 -14.84
N ASN A 82 -16.27 -3.74 -15.53
CA ASN A 82 -16.97 -2.58 -14.99
C ASN A 82 -18.31 -2.42 -15.71
N ILE A 83 -19.18 -1.54 -15.19
CA ILE A 83 -20.46 -1.31 -15.84
C ILE A 83 -20.20 -0.71 -17.21
N TYR A 84 -21.11 -0.95 -18.12
CA TYR A 84 -20.97 -0.45 -19.47
C TYR A 84 -21.74 0.83 -19.68
N SER A 85 -22.52 1.23 -18.69
CA SER A 85 -23.32 2.41 -18.85
C SER A 85 -22.57 3.72 -18.94
N ILE A 86 -23.16 4.63 -19.71
CA ILE A 86 -22.67 5.97 -19.89
C ILE A 86 -23.54 6.83 -19.00
N ILE A 87 -22.99 7.23 -17.86
CA ILE A 87 -23.72 8.02 -16.89
C ILE A 87 -23.71 9.49 -17.17
N ASN A 88 -24.88 10.11 -17.12
CA ASN A 88 -24.96 11.53 -17.34
C ASN A 88 -25.01 12.25 -16.03
N TYR A 89 -23.92 12.95 -15.72
CA TYR A 89 -23.87 13.71 -14.48
C TYR A 89 -23.94 15.20 -14.80
N SER A 90 -25.11 15.77 -14.53
CA SER A 90 -25.33 17.18 -14.77
C SER A 90 -24.95 17.57 -16.18
N GLY A 91 -25.52 16.86 -17.14
CA GLY A 91 -25.29 17.11 -18.55
C GLY A 91 -23.93 16.65 -19.06
N VAL A 92 -23.20 15.89 -18.27
CA VAL A 92 -21.90 15.40 -18.71
C VAL A 92 -21.82 13.88 -18.73
N ASN A 93 -21.42 13.34 -19.86
CA ASN A 93 -21.30 11.90 -19.99
C ASN A 93 -20.06 11.36 -19.29
N ASN A 94 -20.25 10.29 -18.53
CA ASN A 94 -19.20 9.62 -17.78
C ASN A 94 -19.21 8.12 -18.03
N THR A 95 -18.00 7.56 -18.11
CA THR A 95 -17.83 6.13 -18.32
C THR A 95 -16.94 5.54 -17.23
N ALA A 96 -16.78 4.22 -17.29
CA ALA A 96 -15.96 3.50 -16.34
C ALA A 96 -14.52 3.33 -16.80
N TYR A 97 -14.04 4.26 -17.63
CA TYR A 97 -12.67 4.18 -18.14
C TYR A 97 -11.65 4.03 -17.00
N HIS A 98 -11.97 4.57 -15.84
CA HIS A 98 -11.09 4.54 -14.69
C HIS A 98 -10.96 3.15 -14.03
N GLY A 99 -11.94 2.28 -14.32
CA GLY A 99 -11.99 0.91 -13.81
C GLY A 99 -12.51 0.72 -12.39
N TYR A 100 -12.97 1.80 -11.74
CA TYR A 100 -13.44 1.71 -10.34
C TYR A 100 -14.90 1.39 -10.10
N TRP A 101 -15.64 1.14 -11.17
CA TRP A 101 -17.05 0.81 -11.08
C TRP A 101 -17.28 -0.63 -11.48
N ALA A 102 -16.91 -1.55 -10.59
CA ALA A 102 -17.02 -2.98 -10.87
C ALA A 102 -18.43 -3.51 -10.95
N ARG A 103 -18.60 -4.51 -11.81
CA ARG A 103 -19.86 -5.21 -11.94
C ARG A 103 -19.67 -6.71 -11.76
N ASP A 104 -18.46 -7.19 -12.08
CA ASP A 104 -18.13 -8.58 -11.95
C ASP A 104 -16.64 -8.75 -11.67
N PHE A 105 -16.31 -9.09 -10.43
CA PHE A 105 -14.93 -9.23 -10.00
C PHE A 105 -14.25 -10.47 -10.55
N LYS A 106 -15.00 -11.31 -11.27
CA LYS A 106 -14.46 -12.54 -11.82
C LYS A 106 -14.18 -12.50 -13.33
N LYS A 107 -14.46 -11.37 -13.94
CA LYS A 107 -14.25 -11.19 -15.36
C LYS A 107 -13.37 -9.98 -15.60
N THR A 108 -12.83 -9.86 -16.82
CA THR A 108 -12.02 -8.71 -17.16
C THR A 108 -12.86 -7.59 -17.75
N ASN A 109 -12.27 -6.41 -17.83
CA ASN A 109 -12.88 -5.27 -18.47
C ASN A 109 -12.46 -5.40 -19.93
N PRO A 110 -13.41 -5.76 -20.80
CA PRO A 110 -13.10 -5.99 -22.20
C PRO A 110 -12.38 -4.86 -22.89
N ALA A 111 -12.52 -3.64 -22.39
CA ALA A 111 -11.82 -2.51 -23.00
C ALA A 111 -10.32 -2.65 -22.76
N TYR A 112 -9.96 -3.22 -21.60
CA TYR A 112 -8.56 -3.43 -21.25
C TYR A 112 -8.03 -4.67 -21.96
N GLY A 113 -8.86 -5.71 -22.00
CA GLY A 113 -8.50 -6.94 -22.66
C GLY A 113 -9.26 -8.14 -22.13
N THR A 114 -8.90 -9.30 -22.66
CA THR A 114 -9.48 -10.57 -22.28
C THR A 114 -8.61 -11.21 -21.23
N ILE A 115 -9.05 -12.35 -20.71
CA ILE A 115 -8.25 -13.04 -19.72
C ILE A 115 -6.90 -13.39 -20.34
N ALA A 116 -6.94 -13.81 -21.62
CA ALA A 116 -5.74 -14.16 -22.35
C ALA A 116 -4.78 -12.98 -22.42
N ASP A 117 -5.35 -11.79 -22.68
CA ASP A 117 -4.55 -10.57 -22.74
C ASP A 117 -3.87 -10.35 -21.39
N PHE A 118 -4.62 -10.58 -20.32
CA PHE A 118 -4.07 -10.42 -18.97
C PHE A 118 -2.88 -11.34 -18.73
N GLN A 119 -3.02 -12.59 -19.18
CA GLN A 119 -1.95 -13.58 -19.03
C GLN A 119 -0.70 -13.13 -19.78
N ASN A 120 -0.93 -12.61 -20.98
CA ASN A 120 0.13 -12.12 -21.83
C ASN A 120 0.83 -10.95 -21.13
N LEU A 121 0.02 -10.10 -20.47
CA LEU A 121 0.56 -8.95 -19.76
C LEU A 121 1.46 -9.44 -18.63
N ILE A 122 0.95 -10.37 -17.83
CA ILE A 122 1.73 -10.94 -16.74
C ILE A 122 3.03 -11.52 -17.28
N ALA A 123 2.92 -12.28 -18.37
CA ALA A 123 4.07 -12.92 -18.98
C ALA A 123 5.10 -11.93 -19.51
N ALA A 124 4.63 -10.94 -20.26
CA ALA A 124 5.52 -9.94 -20.84
C ALA A 124 6.25 -9.16 -19.77
N ALA A 125 5.51 -8.76 -18.72
CA ALA A 125 6.10 -8.01 -17.64
C ALA A 125 7.15 -8.82 -16.92
N HIS A 126 6.78 -10.04 -16.54
CA HIS A 126 7.72 -10.89 -15.84
C HIS A 126 8.98 -11.10 -16.65
N ALA A 127 8.81 -11.27 -17.96
CA ALA A 127 9.92 -11.48 -18.84
C ALA A 127 10.93 -10.33 -18.80
N LYS A 128 10.45 -9.13 -18.45
CA LYS A 128 11.30 -7.94 -18.37
C LYS A 128 11.59 -7.53 -16.94
N ASN A 129 11.40 -8.47 -16.02
CA ASN A 129 11.65 -8.23 -14.60
C ASN A 129 10.76 -7.18 -14.00
N ILE A 130 9.55 -7.07 -14.53
CA ILE A 130 8.58 -6.11 -14.03
C ILE A 130 7.45 -6.84 -13.32
N LYS A 131 7.20 -6.45 -12.06
CA LYS A 131 6.12 -7.03 -11.26
C LYS A 131 4.79 -6.35 -11.62
N VAL A 132 3.69 -7.06 -11.42
CA VAL A 132 2.37 -6.52 -11.75
C VAL A 132 1.43 -6.46 -10.55
N ILE A 133 0.99 -5.23 -10.25
CA ILE A 133 0.07 -4.96 -9.17
C ILE A 133 -1.25 -4.54 -9.78
N ILE A 134 -2.33 -5.08 -9.27
CA ILE A 134 -3.62 -4.68 -9.77
C ILE A 134 -4.35 -3.88 -8.72
N ASP A 135 -5.12 -2.89 -9.17
CA ASP A 135 -5.95 -2.15 -8.27
C ASP A 135 -7.12 -3.08 -7.98
N PHE A 136 -7.69 -2.99 -6.78
CA PHE A 136 -8.81 -3.83 -6.39
C PHE A 136 -9.70 -3.00 -5.48
N ALA A 137 -10.98 -2.84 -5.84
CA ALA A 137 -11.89 -1.99 -5.07
C ALA A 137 -13.12 -2.72 -4.57
N PRO A 138 -12.94 -3.55 -3.54
CA PRO A 138 -14.01 -4.35 -2.99
C PRO A 138 -14.95 -3.59 -2.08
N ASN A 139 -14.80 -2.28 -2.03
CA ASN A 139 -15.67 -1.52 -1.17
C ASN A 139 -17.05 -1.35 -1.77
N HIS A 140 -17.11 -1.33 -3.10
CA HIS A 140 -18.38 -1.08 -3.77
C HIS A 140 -18.42 -1.60 -5.19
N THR A 141 -19.60 -1.47 -5.81
CA THR A 141 -19.75 -1.85 -7.18
C THR A 141 -19.70 -0.61 -8.05
N SER A 142 -20.88 -0.03 -8.30
CA SER A 142 -20.95 1.15 -9.13
C SER A 142 -22.06 2.10 -8.70
N PRO A 143 -22.20 3.21 -9.42
CA PRO A 143 -23.22 4.21 -9.09
C PRO A 143 -24.62 3.62 -9.12
N ALA A 144 -25.38 3.90 -8.07
CA ALA A 144 -26.71 3.36 -8.00
C ALA A 144 -27.70 4.31 -7.40
N SER A 145 -28.95 3.98 -7.64
CA SER A 145 -30.11 4.69 -7.16
C SER A 145 -31.16 3.67 -6.75
N SER A 146 -31.49 3.67 -5.46
CA SER A 146 -32.47 2.72 -4.93
C SER A 146 -33.85 2.90 -5.51
N ASP A 147 -34.25 4.16 -5.64
CA ASP A 147 -35.56 4.48 -6.16
C ASP A 147 -35.50 4.96 -7.60
N GLN A 148 -34.60 4.33 -8.32
CA GLN A 148 -34.41 4.61 -9.73
C GLN A 148 -33.49 3.53 -10.26
N PRO A 149 -34.04 2.32 -10.33
CA PRO A 149 -33.29 1.15 -10.74
C PRO A 149 -32.83 1.30 -12.17
N SER A 150 -33.40 2.27 -12.88
CA SER A 150 -33.05 2.48 -14.26
C SER A 150 -31.74 3.23 -14.42
N PHE A 151 -31.32 3.87 -13.33
CA PHE A 151 -30.08 4.64 -13.31
C PHE A 151 -28.84 3.74 -13.31
N ALA A 152 -27.90 4.02 -14.22
CA ALA A 152 -26.68 3.23 -14.35
C ALA A 152 -27.04 1.76 -14.46
N GLU A 153 -26.32 0.90 -13.76
CA GLU A 153 -26.65 -0.51 -13.76
C GLU A 153 -27.19 -0.92 -12.41
N ASN A 154 -27.67 0.08 -11.66
CA ASN A 154 -28.24 -0.15 -10.34
C ASN A 154 -27.25 -0.82 -9.37
N GLY A 155 -25.95 -0.62 -9.63
CA GLY A 155 -24.89 -1.18 -8.82
C GLY A 155 -24.88 -2.71 -8.81
N ARG A 156 -25.49 -3.32 -9.82
CA ARG A 156 -25.56 -4.77 -9.92
C ARG A 156 -24.24 -5.53 -9.79
N LEU A 157 -24.29 -6.59 -9.01
CA LEU A 157 -23.15 -7.45 -8.77
C LEU A 157 -23.37 -8.81 -9.43
N TYR A 158 -22.42 -9.18 -10.29
CA TYR A 158 -22.45 -10.46 -10.99
C TYR A 158 -21.29 -11.33 -10.55
N ASP A 159 -21.53 -12.63 -10.57
CA ASP A 159 -20.56 -13.62 -10.22
C ASP A 159 -20.24 -14.44 -11.45
N ASN A 160 -19.20 -14.05 -12.17
CA ASN A 160 -18.81 -14.71 -13.39
C ASN A 160 -19.98 -14.83 -14.34
N GLY A 161 -20.73 -13.74 -14.47
CA GLY A 161 -21.89 -13.69 -15.37
C GLY A 161 -23.23 -13.89 -14.67
N THR A 162 -23.23 -14.56 -13.53
CA THR A 162 -24.44 -14.81 -12.81
C THR A 162 -24.83 -13.66 -11.92
N LEU A 163 -25.97 -13.06 -12.17
CA LEU A 163 -26.43 -11.96 -11.36
C LEU A 163 -26.64 -12.36 -9.90
N LEU A 164 -26.01 -11.62 -9.00
CA LEU A 164 -26.18 -11.87 -7.58
C LEU A 164 -27.31 -11.00 -7.05
N GLY A 165 -27.33 -9.74 -7.49
CA GLY A 165 -28.34 -8.79 -7.09
C GLY A 165 -27.94 -7.34 -7.39
N GLY A 166 -28.87 -6.42 -7.15
CA GLY A 166 -28.65 -5.00 -7.39
C GLY A 166 -28.98 -4.18 -6.16
N TYR A 167 -28.81 -2.86 -6.28
CA TYR A 167 -29.08 -1.98 -5.16
C TYR A 167 -30.55 -1.92 -4.82
N THR A 168 -31.37 -2.02 -5.85
CA THR A 168 -32.80 -1.99 -5.70
C THR A 168 -33.34 -3.37 -5.40
N ASN A 169 -34.23 -3.44 -4.43
CA ASN A 169 -34.81 -4.71 -4.06
C ASN A 169 -33.73 -5.64 -3.53
N ASP A 170 -32.86 -5.08 -2.71
CA ASP A 170 -31.76 -5.83 -2.14
C ASP A 170 -32.22 -6.64 -0.94
N THR A 171 -33.08 -7.61 -1.22
CA THR A 171 -33.63 -8.47 -0.21
C THR A 171 -32.55 -9.32 0.44
N GLN A 172 -31.50 -9.58 -0.33
CA GLN A 172 -30.38 -10.38 0.13
C GLN A 172 -29.51 -9.59 1.09
N ASN A 173 -29.58 -8.28 0.99
CA ASN A 173 -28.75 -7.44 1.82
C ASN A 173 -27.29 -7.57 1.41
N LEU A 174 -27.07 -7.53 0.12
CA LEU A 174 -25.73 -7.62 -0.40
C LEU A 174 -25.04 -6.29 -0.19
N PHE A 175 -25.84 -5.23 -0.04
CA PHE A 175 -25.34 -3.86 0.09
C PHE A 175 -25.82 -3.17 1.34
N HIS A 176 -25.17 -2.06 1.66
CA HIS A 176 -25.57 -1.25 2.80
C HIS A 176 -26.62 -0.26 2.34
N HIS A 177 -27.62 -0.04 3.20
CA HIS A 177 -28.71 0.91 2.92
C HIS A 177 -28.78 1.90 4.07
N ASN A 178 -27.65 2.55 4.34
CA ASN A 178 -27.54 3.48 5.45
C ASN A 178 -27.36 4.92 5.01
N GLY A 179 -27.65 5.19 3.77
CA GLY A 179 -27.47 6.54 3.28
C GLY A 179 -26.06 6.72 2.75
N GLY A 180 -25.67 7.99 2.62
CA GLY A 180 -24.35 8.36 2.10
C GLY A 180 -23.49 9.01 3.18
N THR A 181 -22.19 8.83 3.06
CA THR A 181 -21.29 9.36 4.05
C THR A 181 -20.91 10.79 3.81
N ASP A 182 -20.62 11.49 4.90
CA ASP A 182 -20.16 12.86 4.82
C ASP A 182 -18.71 12.90 5.31
N PHE A 183 -18.13 11.70 5.51
CA PHE A 183 -16.76 11.56 5.99
C PHE A 183 -16.56 12.16 7.37
N SER A 184 -17.64 12.35 8.11
CA SER A 184 -17.56 12.96 9.44
C SER A 184 -16.87 12.10 10.52
N THR A 185 -17.02 10.79 10.42
CA THR A 185 -16.39 9.87 11.34
C THR A 185 -15.96 8.63 10.57
N THR A 186 -15.01 7.88 11.10
CA THR A 186 -14.57 6.68 10.41
C THR A 186 -15.73 5.72 10.18
N GLU A 187 -16.54 5.55 11.23
CA GLU A 187 -17.70 4.67 11.16
C GLU A 187 -18.69 5.12 10.08
N ASN A 188 -18.91 6.43 10.03
CA ASN A 188 -19.81 7.00 9.05
C ASN A 188 -19.36 6.66 7.63
N GLY A 189 -18.06 6.78 7.40
CA GLY A 189 -17.47 6.52 6.11
C GLY A 189 -17.41 5.05 5.74
N ILE A 190 -17.53 4.17 6.72
CA ILE A 190 -17.46 2.74 6.45
C ILE A 190 -18.79 2.14 6.03
N TYR A 191 -19.82 2.44 6.83
CA TYR A 191 -21.17 1.89 6.67
C TYR A 191 -22.18 2.63 5.79
N LYS A 192 -21.77 3.77 5.25
CA LYS A 192 -22.61 4.54 4.35
C LYS A 192 -21.95 4.54 2.98
N ASN A 193 -22.69 4.88 1.93
CA ASN A 193 -22.15 4.88 0.58
C ASN A 193 -21.18 6.02 0.31
N LEU A 194 -20.16 5.74 -0.51
CA LEU A 194 -19.22 6.75 -0.94
C LEU A 194 -19.92 7.38 -2.11
N TYR A 195 -20.39 8.60 -1.97
CA TYR A 195 -21.11 9.19 -3.07
C TYR A 195 -22.35 8.37 -3.37
N ASP A 196 -22.51 7.95 -4.61
CA ASP A 196 -23.66 7.14 -5.00
C ASP A 196 -23.26 5.72 -5.30
N LEU A 197 -22.07 5.34 -4.84
CA LEU A 197 -21.56 4.00 -5.10
C LEU A 197 -22.20 2.97 -4.19
N ALA A 198 -22.80 1.94 -4.79
CA ALA A 198 -23.44 0.89 -4.00
C ALA A 198 -22.43 0.24 -3.06
N ASP A 199 -22.61 0.46 -1.75
CA ASP A 199 -21.71 -0.07 -0.74
C ASP A 199 -21.91 -1.54 -0.46
N LEU A 200 -20.91 -2.34 -0.77
CA LEU A 200 -20.99 -3.77 -0.52
C LEU A 200 -21.03 -4.06 0.97
N ASN A 201 -21.86 -5.04 1.35
CA ASN A 201 -22.01 -5.44 2.73
C ASN A 201 -21.08 -6.61 3.03
N HIS A 202 -19.93 -6.31 3.62
CA HIS A 202 -18.94 -7.35 3.92
C HIS A 202 -19.36 -8.29 5.04
N ASN A 203 -20.48 -7.98 5.66
CA ASN A 203 -21.00 -8.82 6.71
C ASN A 203 -21.94 -9.87 6.11
N ASN A 204 -22.19 -9.74 4.82
CA ASN A 204 -23.04 -10.71 4.15
C ASN A 204 -22.14 -11.85 3.70
N SER A 205 -22.45 -13.09 4.12
CA SER A 205 -21.64 -14.25 3.77
C SER A 205 -21.36 -14.40 2.28
N THR A 206 -22.37 -14.14 1.46
CA THR A 206 -22.23 -14.24 0.02
C THR A 206 -21.17 -13.28 -0.49
N VAL A 207 -21.30 -12.03 -0.07
CA VAL A 207 -20.37 -10.99 -0.47
C VAL A 207 -18.96 -11.33 0.01
N ASP A 208 -18.88 -11.70 1.26
CA ASP A 208 -17.62 -12.08 1.88
C ASP A 208 -16.91 -13.18 1.11
N VAL A 209 -17.60 -14.31 0.97
CA VAL A 209 -17.05 -15.45 0.26
C VAL A 209 -16.69 -15.14 -1.19
N TYR A 210 -17.58 -14.42 -1.86
CA TYR A 210 -17.40 -14.03 -3.23
C TYR A 210 -16.13 -13.22 -3.45
N LEU A 211 -15.94 -12.20 -2.62
CA LEU A 211 -14.78 -11.34 -2.75
C LEU A 211 -13.47 -12.09 -2.55
N LYS A 212 -13.46 -12.97 -1.56
CA LYS A 212 -12.29 -13.78 -1.28
C LYS A 212 -12.00 -14.73 -2.42
N ASP A 213 -13.04 -15.29 -3.00
CA ASP A 213 -12.87 -16.18 -4.13
C ASP A 213 -12.37 -15.42 -5.33
N ALA A 214 -12.88 -14.19 -5.49
CA ALA A 214 -12.49 -13.36 -6.63
C ALA A 214 -11.00 -13.05 -6.61
N ILE A 215 -10.50 -12.62 -5.45
CA ILE A 215 -9.08 -12.30 -5.35
C ILE A 215 -8.23 -13.53 -5.64
N LYS A 216 -8.71 -14.69 -5.20
CA LYS A 216 -7.99 -15.92 -5.45
C LYS A 216 -7.80 -16.15 -6.93
N MET A 217 -8.81 -15.77 -7.71
CA MET A 217 -8.71 -15.91 -9.15
C MET A 217 -7.53 -15.09 -9.68
N TRP A 218 -7.44 -13.83 -9.25
CA TRP A 218 -6.35 -12.95 -9.67
C TRP A 218 -4.99 -13.45 -9.22
N LEU A 219 -4.94 -14.01 -8.01
CA LEU A 219 -3.68 -14.55 -7.50
C LEU A 219 -3.24 -15.70 -8.40
N ASP A 220 -4.22 -16.48 -8.84
CA ASP A 220 -3.96 -17.62 -9.71
C ASP A 220 -3.50 -17.19 -11.08
N LEU A 221 -3.85 -15.95 -11.45
CA LEU A 221 -3.44 -15.42 -12.73
C LEU A 221 -1.99 -14.91 -12.68
N GLY A 222 -1.42 -14.90 -11.48
CA GLY A 222 -0.03 -14.52 -11.33
C GLY A 222 0.29 -13.09 -10.91
N ILE A 223 -0.69 -12.36 -10.38
CA ILE A 223 -0.37 -10.99 -9.94
C ILE A 223 0.70 -11.02 -8.85
N ASP A 224 1.46 -9.93 -8.74
CA ASP A 224 2.53 -9.82 -7.75
C ASP A 224 2.18 -8.96 -6.55
N GLY A 225 1.07 -8.23 -6.65
CA GLY A 225 0.67 -7.37 -5.56
C GLY A 225 -0.71 -6.78 -5.78
N ILE A 226 -1.25 -6.16 -4.73
CA ILE A 226 -2.56 -5.56 -4.77
C ILE A 226 -2.61 -4.17 -4.17
N ARG A 227 -3.27 -3.24 -4.88
CA ARG A 227 -3.50 -1.90 -4.38
C ARG A 227 -4.98 -1.86 -3.99
N MET A 228 -5.28 -1.81 -2.70
CA MET A 228 -6.66 -1.82 -2.24
C MET A 228 -7.27 -0.43 -2.16
N ASP A 229 -8.33 -0.24 -2.90
CA ASP A 229 -9.02 1.03 -2.92
C ASP A 229 -9.92 1.25 -1.70
N ALA A 230 -9.92 2.49 -1.19
CA ALA A 230 -10.79 2.92 -0.07
C ALA A 230 -10.75 2.07 1.19
N VAL A 231 -9.57 1.79 1.71
CA VAL A 231 -9.48 0.96 2.90
C VAL A 231 -10.04 1.62 4.14
N LYS A 232 -10.16 2.94 4.15
CA LYS A 232 -10.73 3.61 5.30
C LYS A 232 -12.25 3.45 5.29
N HIS A 233 -12.76 2.91 4.17
CA HIS A 233 -14.20 2.76 3.95
C HIS A 233 -14.79 1.37 4.10
N MET A 234 -13.98 0.42 4.56
CA MET A 234 -14.39 -0.95 4.79
C MET A 234 -14.02 -1.35 6.22
N PRO A 235 -14.80 -2.26 6.82
CA PRO A 235 -14.50 -2.65 8.18
C PRO A 235 -13.09 -3.18 8.28
N PHE A 236 -12.33 -2.65 9.24
CA PHE A 236 -10.95 -3.06 9.43
C PHE A 236 -10.81 -4.54 9.68
N GLY A 237 -11.70 -5.06 10.53
CA GLY A 237 -11.67 -6.48 10.87
C GLY A 237 -11.93 -7.34 9.64
N TRP A 238 -12.84 -6.87 8.78
CA TRP A 238 -13.12 -7.62 7.58
C TRP A 238 -11.89 -7.67 6.69
N GLN A 239 -11.24 -6.52 6.57
CA GLN A 239 -10.06 -6.42 5.77
C GLN A 239 -8.96 -7.32 6.28
N LYS A 240 -8.85 -7.41 7.61
CA LYS A 240 -7.85 -8.28 8.18
C LYS A 240 -8.13 -9.70 7.71
N SER A 241 -9.42 -10.08 7.78
CA SER A 241 -9.81 -11.43 7.35
C SER A 241 -9.51 -11.65 5.87
N PHE A 242 -9.63 -10.57 5.08
CA PHE A 242 -9.35 -10.63 3.66
C PHE A 242 -7.86 -10.86 3.42
N MET A 243 -7.05 -10.11 4.15
CA MET A 243 -5.61 -10.24 4.05
C MET A 243 -5.18 -11.64 4.48
N ALA A 244 -5.88 -12.18 5.46
CA ALA A 244 -5.58 -13.53 5.93
C ALA A 244 -5.89 -14.53 4.82
N ALA A 245 -7.00 -14.31 4.14
CA ALA A 245 -7.37 -15.19 3.04
C ALA A 245 -6.27 -15.20 1.98
N VAL A 246 -5.79 -14.01 1.64
CA VAL A 246 -4.74 -13.86 0.66
C VAL A 246 -3.44 -14.52 1.12
N ASN A 247 -3.01 -14.13 2.31
CA ASN A 247 -1.75 -14.60 2.90
C ASN A 247 -1.71 -16.09 3.18
N ASN A 248 -2.84 -16.66 3.51
CA ASN A 248 -2.91 -18.06 3.80
C ASN A 248 -3.07 -18.89 2.55
N TYR A 249 -3.10 -18.21 1.41
CA TYR A 249 -3.25 -18.85 0.12
C TYR A 249 -2.00 -18.60 -0.73
N LYS A 250 -1.90 -17.38 -1.26
CA LYS A 250 -0.76 -16.96 -2.06
C LYS A 250 -0.48 -15.51 -1.71
N PRO A 251 0.34 -15.29 -0.70
CA PRO A 251 0.61 -13.95 -0.24
C PRO A 251 1.30 -13.06 -1.27
N VAL A 252 0.78 -11.85 -1.41
CA VAL A 252 1.37 -10.87 -2.31
C VAL A 252 1.33 -9.52 -1.65
N PHE A 253 2.35 -8.72 -1.93
CA PHE A 253 2.46 -7.38 -1.39
C PHE A 253 1.17 -6.63 -1.62
N THR A 254 0.56 -6.16 -0.53
CA THR A 254 -0.70 -5.42 -0.63
C THR A 254 -0.65 -4.10 0.12
N PHE A 255 -1.14 -3.04 -0.53
CA PHE A 255 -1.17 -1.71 0.07
C PHE A 255 -2.51 -1.05 -0.16
N GLY A 256 -3.01 -0.38 0.87
CA GLY A 256 -4.32 0.26 0.78
C GLY A 256 -4.30 1.77 0.66
N GLN A 257 -5.38 2.28 0.08
CA GLN A 257 -5.58 3.69 -0.11
C GLN A 257 -6.41 4.26 1.04
N TRP A 258 -5.74 5.05 1.89
CA TRP A 258 -6.31 5.72 3.07
C TRP A 258 -5.85 7.17 3.00
N PHE A 259 -6.70 8.00 2.46
CA PHE A 259 -6.40 9.40 2.30
C PHE A 259 -6.07 10.10 3.61
N LEU A 260 -5.07 10.96 3.57
CA LEU A 260 -4.69 11.81 4.68
C LEU A 260 -4.57 13.20 4.10
N GLY A 261 -5.13 14.19 4.77
CA GLY A 261 -5.05 15.53 4.24
C GLY A 261 -3.80 16.25 4.69
N VAL A 262 -3.63 17.47 4.23
CA VAL A 262 -2.48 18.26 4.61
C VAL A 262 -2.38 18.35 6.13
N ASN A 263 -1.20 18.06 6.67
CA ASN A 263 -0.96 18.13 8.11
C ASN A 263 -1.69 17.08 8.92
N GLU A 264 -2.33 16.14 8.28
CA GLU A 264 -3.05 15.13 9.04
C GLU A 264 -2.17 13.94 9.41
N VAL A 265 -2.12 13.66 10.70
CA VAL A 265 -1.39 12.53 11.24
C VAL A 265 -2.41 11.72 12.03
N SER A 266 -2.72 10.51 11.54
CA SER A 266 -3.75 9.66 12.14
C SER A 266 -3.27 8.37 12.82
N PRO A 267 -3.47 8.28 14.13
CA PRO A 267 -3.08 7.10 14.86
C PRO A 267 -3.84 5.88 14.39
N GLU A 268 -5.06 6.11 13.96
CA GLU A 268 -5.89 5.04 13.45
C GLU A 268 -5.29 4.46 12.17
N ASN A 269 -4.77 5.37 11.35
CA ASN A 269 -4.12 5.02 10.09
C ASN A 269 -2.87 4.18 10.40
N HIS A 270 -2.12 4.61 11.43
CA HIS A 270 -0.90 3.89 11.85
C HIS A 270 -1.25 2.47 12.28
N LYS A 271 -2.27 2.37 13.15
CA LYS A 271 -2.74 1.10 13.67
C LYS A 271 -3.17 0.15 12.56
N PHE A 272 -3.85 0.71 11.56
CA PHE A 272 -4.30 -0.07 10.42
C PHE A 272 -3.12 -0.64 9.65
N ALA A 273 -2.15 0.20 9.36
CA ALA A 273 -0.97 -0.27 8.65
C ALA A 273 -0.20 -1.29 9.49
N ASN A 274 -0.27 -1.10 10.80
CA ASN A 274 0.44 -1.94 11.71
C ASN A 274 -0.22 -3.27 12.03
N GLU A 275 -1.53 -3.38 11.85
CA GLU A 275 -2.20 -4.60 12.23
C GLU A 275 -3.15 -5.22 11.24
N SER A 276 -3.37 -4.57 10.10
CA SER A 276 -4.35 -5.08 9.17
C SER A 276 -3.87 -6.24 8.32
N GLY A 277 -2.58 -6.31 8.11
CA GLY A 277 -2.06 -7.34 7.25
C GLY A 277 -1.73 -6.73 5.90
N MET A 278 -1.90 -5.41 5.77
CA MET A 278 -1.54 -4.72 4.54
C MET A 278 -0.86 -3.43 4.92
N SER A 279 -0.09 -2.86 4.01
CA SER A 279 0.54 -1.57 4.28
C SER A 279 -0.34 -0.49 3.65
N LEU A 280 0.15 0.75 3.59
CA LEU A 280 -0.67 1.80 3.02
C LEU A 280 0.10 2.70 2.08
N LEU A 281 -0.67 3.41 1.25
CA LEU A 281 -0.13 4.43 0.40
C LEU A 281 0.25 5.53 1.39
N ASP A 282 1.47 6.03 1.31
CA ASP A 282 1.98 7.00 2.26
C ASP A 282 1.51 8.44 2.03
N PHE A 283 0.27 8.72 2.40
CA PHE A 283 -0.26 10.05 2.24
C PHE A 283 0.49 11.06 3.11
N ARG A 284 0.90 10.64 4.29
CA ARG A 284 1.62 11.53 5.18
C ARG A 284 2.88 12.05 4.48
N PHE A 285 3.57 11.13 3.82
CA PHE A 285 4.79 11.44 3.10
C PHE A 285 4.48 12.33 1.91
N ALA A 286 3.51 11.89 1.11
CA ALA A 286 3.13 12.65 -0.09
C ALA A 286 2.71 14.08 0.22
N GLN A 287 1.83 14.24 1.21
CA GLN A 287 1.34 15.57 1.58
C GLN A 287 2.48 16.47 2.04
N LYS A 288 3.39 15.92 2.85
CA LYS A 288 4.52 16.69 3.34
C LYS A 288 5.44 17.09 2.18
N VAL A 289 5.68 16.15 1.28
CA VAL A 289 6.52 16.41 0.13
C VAL A 289 5.94 17.55 -0.70
N ARG A 290 4.63 17.54 -0.87
CA ARG A 290 3.98 18.59 -1.63
C ARG A 290 4.12 19.95 -0.93
N GLN A 291 3.99 19.96 0.38
CA GLN A 291 4.12 21.20 1.13
C GLN A 291 5.51 21.82 0.98
N VAL A 292 6.51 20.96 1.12
CA VAL A 292 7.90 21.33 1.09
C VAL A 292 8.46 21.71 -0.27
N PHE A 293 8.16 20.90 -1.28
CA PHE A 293 8.71 21.11 -2.60
C PHE A 293 7.78 21.74 -3.60
N ARG A 294 6.49 21.66 -3.37
CA ARG A 294 5.56 22.18 -4.35
C ARG A 294 4.87 23.48 -3.97
N ASP A 295 4.20 23.46 -2.83
CA ASP A 295 3.37 24.57 -2.35
C ASP A 295 4.01 25.53 -1.38
N ASN A 296 5.21 25.23 -0.95
CA ASN A 296 5.90 26.09 -0.04
C ASN A 296 5.11 26.44 1.22
N THR A 297 4.54 25.44 1.86
CA THR A 297 3.78 25.66 3.08
C THR A 297 4.44 25.02 4.30
N ASP A 298 5.61 24.41 4.06
CA ASP A 298 6.43 23.81 5.10
C ASP A 298 7.87 23.77 4.63
N ASN A 299 8.79 23.63 5.56
CA ASN A 299 10.20 23.60 5.20
C ASN A 299 10.87 22.27 5.54
N MET A 300 12.19 22.21 5.40
CA MET A 300 12.93 20.97 5.66
C MET A 300 12.70 20.40 7.06
N TYR A 301 12.49 21.26 8.04
CA TYR A 301 12.25 20.75 9.37
C TYR A 301 11.00 19.91 9.43
N GLY A 302 10.03 20.31 8.61
CA GLY A 302 8.78 19.58 8.56
C GLY A 302 8.98 18.25 7.86
N LEU A 303 9.84 18.26 6.84
CA LEU A 303 10.15 17.06 6.10
C LEU A 303 10.88 16.09 7.02
N LYS A 304 11.83 16.62 7.75
CA LYS A 304 12.56 15.79 8.70
C LYS A 304 11.63 15.20 9.76
N ALA A 305 10.73 16.04 10.29
CA ALA A 305 9.82 15.55 11.32
C ALA A 305 8.92 14.44 10.79
N MET A 306 8.50 14.56 9.54
CA MET A 306 7.66 13.53 8.93
C MET A 306 8.46 12.21 8.82
N LEU A 307 9.73 12.33 8.39
CA LEU A 307 10.57 11.15 8.25
C LEU A 307 10.79 10.44 9.58
N GLU A 308 11.11 11.21 10.60
CA GLU A 308 11.36 10.67 11.92
C GLU A 308 10.13 10.12 12.59
N GLY A 309 9.04 10.87 12.50
CA GLY A 309 7.79 10.44 13.10
C GLY A 309 7.26 9.18 12.44
N SER A 310 7.22 9.19 11.11
CA SER A 310 6.73 8.04 10.39
C SER A 310 7.54 6.79 10.66
N ALA A 311 8.86 6.93 10.74
CA ALA A 311 9.69 5.77 11.00
C ALA A 311 9.33 5.15 12.35
N ALA A 312 8.86 5.98 13.27
CA ALA A 312 8.49 5.49 14.59
C ALA A 312 7.05 4.98 14.65
N ASP A 313 6.18 5.66 13.89
CA ASP A 313 4.75 5.34 13.87
C ASP A 313 4.37 4.09 13.11
N TYR A 314 5.03 3.85 11.99
CA TYR A 314 4.73 2.67 11.20
C TYR A 314 5.67 1.56 11.57
N ALA A 315 5.13 0.45 12.05
CA ALA A 315 5.97 -0.68 12.41
C ALA A 315 6.86 -1.09 11.25
N GLN A 316 6.31 -1.08 10.06
CA GLN A 316 7.08 -1.43 8.88
C GLN A 316 7.04 -0.24 7.91
N VAL A 317 7.80 0.81 8.24
CA VAL A 317 7.81 1.99 7.38
C VAL A 317 8.24 1.65 5.95
N ASP A 318 9.08 0.63 5.81
CA ASP A 318 9.58 0.26 4.50
C ASP A 318 8.55 -0.34 3.56
N ASP A 319 7.35 -0.61 4.08
CA ASP A 319 6.26 -1.15 3.31
C ASP A 319 5.29 -0.07 2.81
N GLN A 320 5.46 1.15 3.31
CA GLN A 320 4.58 2.24 2.90
C GLN A 320 4.90 2.68 1.48
N VAL A 321 3.86 2.82 0.65
CA VAL A 321 4.04 3.19 -0.75
C VAL A 321 4.00 4.68 -0.93
N THR A 322 5.16 5.25 -1.20
CA THR A 322 5.29 6.67 -1.34
C THR A 322 4.95 7.17 -2.74
N PHE A 323 4.61 8.45 -2.81
CA PHE A 323 4.26 9.08 -4.07
C PHE A 323 4.21 10.58 -3.88
N ILE A 324 4.16 11.31 -5.00
CA ILE A 324 4.09 12.77 -4.97
C ILE A 324 2.75 13.30 -5.51
N ASP A 325 2.01 12.42 -6.17
CA ASP A 325 0.69 12.72 -6.70
C ASP A 325 0.01 11.43 -7.14
N ASN A 326 -1.22 11.55 -7.62
CA ASN A 326 -1.98 10.41 -8.08
C ASN A 326 -3.21 10.86 -8.86
N HIS A 327 -4.04 9.90 -9.30
CA HIS A 327 -5.23 10.18 -10.10
C HIS A 327 -6.37 10.85 -9.35
N ASP A 328 -6.19 11.03 -8.04
CA ASP A 328 -7.21 11.64 -7.20
C ASP A 328 -6.78 12.99 -6.65
N MET A 329 -5.71 13.54 -7.20
CA MET A 329 -5.22 14.83 -6.77
C MET A 329 -4.58 15.57 -7.90
N GLU A 330 -4.43 16.89 -7.76
CA GLU A 330 -3.83 17.64 -8.84
C GLU A 330 -2.42 17.15 -9.09
N ARG A 331 -2.01 17.13 -10.35
CA ARG A 331 -0.67 16.69 -10.66
C ARG A 331 0.35 17.57 -9.96
N PHE A 332 1.45 16.96 -9.56
CA PHE A 332 2.51 17.67 -8.85
C PHE A 332 3.00 18.89 -9.60
N HIS A 333 3.35 18.68 -10.85
CA HIS A 333 3.86 19.73 -11.69
C HIS A 333 2.80 20.69 -12.18
N ALA A 334 2.92 21.97 -11.79
CA ALA A 334 1.98 23.01 -12.24
C ALA A 334 2.55 23.57 -13.53
N SER A 335 1.69 23.79 -14.52
CA SER A 335 2.13 24.26 -15.82
C SER A 335 3.14 25.40 -15.81
N ASN A 336 3.01 26.27 -14.83
CA ASN A 336 3.87 27.42 -14.71
C ASN A 336 4.94 27.27 -13.65
N ALA A 337 5.13 26.07 -13.14
CA ALA A 337 6.13 25.90 -12.11
C ALA A 337 7.50 25.55 -12.63
N ASN A 338 8.51 25.77 -11.80
CA ASN A 338 9.85 25.42 -12.17
C ASN A 338 9.94 23.90 -12.13
N ARG A 339 10.42 23.30 -13.21
CA ARG A 339 10.52 21.85 -13.31
C ARG A 339 11.42 21.22 -12.24
N ARG A 340 12.38 21.99 -11.73
CA ARG A 340 13.27 21.48 -10.71
C ARG A 340 12.52 20.97 -9.47
N LYS A 341 11.39 21.60 -9.18
CA LYS A 341 10.60 21.21 -8.03
C LYS A 341 10.17 19.76 -8.15
N LEU A 342 9.68 19.41 -9.33
CA LEU A 342 9.22 18.06 -9.62
C LEU A 342 10.40 17.08 -9.56
N GLU A 343 11.48 17.47 -10.24
CA GLU A 343 12.68 16.66 -10.28
C GLU A 343 13.22 16.34 -8.89
N GLN A 344 13.22 17.33 -8.01
CA GLN A 344 13.70 17.13 -6.65
C GLN A 344 12.79 16.20 -5.87
N ALA A 345 11.48 16.44 -5.98
CA ALA A 345 10.53 15.62 -5.27
C ALA A 345 10.68 14.15 -5.69
N LEU A 346 10.95 13.94 -6.97
CA LEU A 346 11.15 12.62 -7.53
C LEU A 346 12.41 12.00 -6.92
N ALA A 347 13.50 12.77 -6.96
CA ALA A 347 14.78 12.29 -6.44
C ALA A 347 14.66 11.93 -4.98
N PHE A 348 13.92 12.77 -4.25
CA PHE A 348 13.70 12.55 -2.84
C PHE A 348 12.93 11.25 -2.61
N THR A 349 11.85 11.12 -3.36
CA THR A 349 11.02 9.93 -3.23
C THR A 349 11.76 8.63 -3.55
N LEU A 350 12.50 8.66 -4.65
CA LEU A 350 13.23 7.49 -5.12
C LEU A 350 14.33 7.01 -4.20
N THR A 351 14.87 7.91 -3.37
CA THR A 351 15.97 7.57 -2.49
C THR A 351 15.54 7.44 -1.05
N SER A 352 14.24 7.63 -0.80
CA SER A 352 13.71 7.55 0.55
C SER A 352 13.14 6.17 0.86
N ARG A 353 12.87 5.96 2.15
CA ARG A 353 12.33 4.68 2.62
C ARG A 353 10.95 4.39 2.07
N GLY A 354 10.61 3.10 2.03
CA GLY A 354 9.31 2.67 1.55
C GLY A 354 9.38 2.04 0.16
N VAL A 355 8.30 2.24 -0.59
CA VAL A 355 8.16 1.73 -1.95
C VAL A 355 7.63 2.85 -2.81
N PRO A 356 8.50 3.41 -3.62
CA PRO A 356 8.11 4.53 -4.46
C PRO A 356 7.21 4.15 -5.61
N ALA A 357 6.18 5.00 -5.81
CA ALA A 357 5.23 4.85 -6.90
C ALA A 357 5.20 6.15 -7.69
N ILE A 358 5.32 6.03 -9.01
CA ILE A 358 5.31 7.17 -9.90
C ILE A 358 4.07 7.14 -10.79
N TYR A 359 3.25 8.19 -10.68
CA TYR A 359 2.05 8.29 -11.46
C TYR A 359 2.42 8.48 -12.93
N TYR A 360 1.86 7.67 -13.83
CA TYR A 360 2.19 7.74 -15.26
C TYR A 360 2.22 9.16 -15.81
N GLY A 361 3.25 9.46 -16.62
CA GLY A 361 3.37 10.78 -17.23
C GLY A 361 4.08 11.84 -16.38
N THR A 362 4.36 11.54 -15.11
CA THR A 362 5.06 12.48 -14.25
C THR A 362 6.36 12.90 -14.93
N GLU A 363 7.01 11.90 -15.50
CA GLU A 363 8.28 12.04 -16.18
C GLU A 363 8.21 12.85 -17.46
N GLN A 364 6.97 13.14 -17.90
CA GLN A 364 6.76 13.94 -19.10
C GLN A 364 6.26 15.34 -18.73
N TYR A 365 6.36 15.66 -17.45
CA TYR A 365 5.93 16.95 -16.95
C TYR A 365 4.46 17.22 -17.18
N MET A 366 3.64 16.18 -17.11
CA MET A 366 2.22 16.37 -17.27
C MET A 366 1.69 17.22 -16.12
N SER A 367 0.77 18.13 -16.42
CA SER A 367 0.18 18.95 -15.39
C SER A 367 -1.31 18.78 -15.48
N GLY A 368 -2.03 19.14 -14.48
CA GLY A 368 -3.46 18.94 -14.58
C GLY A 368 -4.08 19.00 -13.23
N GLY A 369 -5.27 19.56 -13.20
CA GLY A 369 -5.96 19.71 -11.96
C GLY A 369 -6.68 18.46 -11.55
N THR A 370 -7.70 18.67 -10.77
CA THR A 370 -8.50 17.60 -10.27
C THR A 370 -9.17 16.81 -11.39
N ASP A 371 -9.55 15.61 -11.01
CA ASP A 371 -10.24 14.64 -11.85
C ASP A 371 -11.31 15.32 -12.69
N PRO A 372 -11.29 15.10 -14.02
CA PRO A 372 -10.40 14.18 -14.70
C PRO A 372 -9.19 14.84 -15.34
N ASP A 373 -8.93 16.10 -15.00
CA ASP A 373 -7.83 16.80 -15.62
C ASP A 373 -6.45 16.21 -15.40
N ASN A 374 -6.35 15.40 -14.36
CA ASN A 374 -5.09 14.76 -14.01
C ASN A 374 -4.92 13.40 -14.67
N ARG A 375 -5.87 13.05 -15.55
CA ARG A 375 -5.88 11.77 -16.24
C ARG A 375 -5.78 11.85 -17.77
N ALA A 376 -5.02 12.79 -18.28
CA ALA A 376 -4.90 12.92 -19.72
C ALA A 376 -4.05 11.81 -20.31
N ARG A 377 -4.18 11.61 -21.60
CA ARG A 377 -3.39 10.60 -22.24
C ARG A 377 -1.92 11.05 -22.19
N ILE A 378 -1.01 10.12 -21.89
CA ILE A 378 0.41 10.49 -21.84
C ILE A 378 0.79 11.06 -23.19
N PRO A 379 1.35 12.27 -23.20
CA PRO A 379 1.67 12.97 -24.43
C PRO A 379 2.92 12.56 -25.17
N SER A 380 3.80 11.83 -24.51
CA SER A 380 5.03 11.50 -25.17
C SER A 380 5.70 10.31 -24.50
N PHE A 381 6.54 9.62 -25.26
CA PHE A 381 7.27 8.48 -24.74
C PHE A 381 8.75 8.78 -24.87
N SER A 382 9.08 10.04 -24.61
CA SER A 382 10.44 10.50 -24.71
C SER A 382 11.30 10.09 -23.53
N THR A 383 12.49 9.59 -23.83
CA THR A 383 13.42 9.21 -22.78
C THR A 383 14.35 10.37 -22.47
N SER A 384 14.18 11.47 -23.19
CA SER A 384 15.08 12.61 -23.05
C SER A 384 14.75 13.66 -22.02
N THR A 385 13.67 13.51 -21.29
CA THR A 385 13.36 14.51 -20.29
C THR A 385 14.29 14.40 -19.10
N THR A 386 14.47 15.51 -18.40
CA THR A 386 15.31 15.48 -17.23
C THR A 386 14.73 14.54 -16.18
N ALA A 387 13.41 14.60 -16.02
CA ALA A 387 12.71 13.74 -15.07
C ALA A 387 12.90 12.27 -15.39
N TYR A 388 12.83 11.93 -16.68
CA TYR A 388 13.03 10.55 -17.08
C TYR A 388 14.44 10.10 -16.69
N GLN A 389 15.42 10.96 -16.95
CA GLN A 389 16.80 10.66 -16.62
C GLN A 389 17.02 10.53 -15.11
N VAL A 390 16.29 11.33 -14.34
CA VAL A 390 16.39 11.28 -12.88
C VAL A 390 15.95 9.90 -12.38
N ILE A 391 14.82 9.45 -12.90
CA ILE A 391 14.30 8.16 -12.51
C ILE A 391 15.25 7.07 -12.95
N GLN A 392 15.72 7.19 -14.18
CA GLN A 392 16.63 6.24 -14.77
C GLN A 392 17.91 6.05 -13.96
N LYS A 393 18.41 7.13 -13.40
CA LYS A 393 19.62 7.06 -12.63
C LYS A 393 19.39 6.58 -11.20
N LEU A 394 18.24 6.92 -10.63
CA LEU A 394 17.97 6.60 -9.23
C LEU A 394 17.18 5.33 -8.95
N ALA A 395 16.22 5.02 -9.80
CA ALA A 395 15.43 3.83 -9.58
C ALA A 395 16.26 2.56 -9.34
N PRO A 396 17.24 2.32 -10.20
CA PRO A 396 18.05 1.12 -10.07
C PRO A 396 18.83 1.02 -8.77
N LEU A 397 19.01 2.15 -8.08
CA LEU A 397 19.71 2.10 -6.82
C LEU A 397 18.94 1.28 -5.81
N ARG A 398 17.62 1.20 -5.97
CA ARG A 398 16.84 0.42 -5.01
C ARG A 398 17.21 -1.06 -5.08
N LYS A 399 17.70 -1.47 -6.24
CA LYS A 399 18.12 -2.84 -6.47
C LYS A 399 19.58 -3.05 -6.06
N SER A 400 20.43 -2.13 -6.50
CA SER A 400 21.87 -2.22 -6.24
C SER A 400 22.33 -1.79 -4.85
N ASN A 401 21.59 -0.90 -4.22
CA ASN A 401 21.99 -0.41 -2.91
C ASN A 401 20.94 -0.63 -1.85
N PRO A 402 21.13 -1.68 -1.05
CA PRO A 402 20.21 -2.06 0.00
C PRO A 402 19.97 -0.98 1.04
N ALA A 403 20.88 -0.02 1.16
CA ALA A 403 20.67 1.06 2.11
C ALA A 403 19.42 1.83 1.69
N ILE A 404 19.24 1.96 0.37
CA ILE A 404 18.09 2.66 -0.17
C ILE A 404 16.81 1.86 0.03
N ALA A 405 16.88 0.57 -0.23
CA ALA A 405 15.72 -0.29 -0.09
C ALA A 405 15.28 -0.56 1.33
N TYR A 406 16.25 -0.75 2.24
CA TYR A 406 15.92 -1.13 3.61
C TYR A 406 16.53 -0.30 4.70
N GLY A 407 17.35 0.67 4.34
CA GLY A 407 18.08 1.44 5.33
C GLY A 407 17.30 2.34 6.27
N SER A 408 17.97 2.67 7.37
CA SER A 408 17.44 3.58 8.32
C SER A 408 17.54 4.95 7.65
N THR A 409 16.98 5.97 8.26
CA THR A 409 17.05 7.31 7.72
C THR A 409 17.53 8.25 8.79
N GLN A 410 18.59 9.00 8.50
CA GLN A 410 19.16 9.92 9.47
C GLN A 410 19.50 11.27 8.88
N GLU A 411 19.00 12.32 9.50
CA GLU A 411 19.30 13.65 9.04
C GLU A 411 20.75 13.93 9.38
N ARG A 412 21.53 14.38 8.39
CA ARG A 412 22.94 14.68 8.59
C ARG A 412 23.25 16.18 8.50
N TRP A 413 22.40 16.93 7.83
CA TRP A 413 22.60 18.36 7.72
C TRP A 413 21.26 18.98 7.42
N ILE A 414 20.93 20.10 8.07
CA ILE A 414 19.62 20.67 7.80
C ILE A 414 19.50 22.17 8.11
N ASN A 415 18.67 22.82 7.31
CA ASN A 415 18.32 24.21 7.48
C ASN A 415 16.95 24.39 6.86
N ASN A 416 16.42 25.61 6.76
CA ASN A 416 15.08 25.76 6.18
C ASN A 416 14.93 25.11 4.82
N ASP A 417 15.94 25.31 3.98
CA ASP A 417 15.90 24.86 2.61
C ASP A 417 16.71 23.64 2.26
N VAL A 418 17.60 23.22 3.13
CA VAL A 418 18.44 22.10 2.80
C VAL A 418 18.25 20.91 3.70
N LEU A 419 18.23 19.73 3.11
CA LEU A 419 18.15 18.53 3.89
C LEU A 419 19.16 17.57 3.34
N ILE A 420 20.03 17.09 4.18
CA ILE A 420 20.99 16.09 3.78
C ILE A 420 20.72 14.91 4.65
N TYR A 421 20.33 13.79 4.04
CA TYR A 421 20.01 12.61 4.81
C TYR A 421 20.82 11.42 4.40
N GLU A 422 20.92 10.47 5.31
CA GLU A 422 21.68 9.27 5.07
C GLU A 422 20.87 8.00 5.27
N ARG A 423 21.00 7.09 4.32
CA ARG A 423 20.36 5.78 4.36
C ARG A 423 21.48 4.79 4.67
N LYS A 424 21.25 3.89 5.62
CA LYS A 424 22.29 2.93 5.98
C LYS A 424 21.75 1.52 6.22
N PHE A 425 22.40 0.53 5.62
CA PHE A 425 22.01 -0.88 5.76
C PHE A 425 23.22 -1.77 5.55
N GLY A 426 23.64 -2.45 6.60
CA GLY A 426 24.82 -3.30 6.46
C GLY A 426 26.00 -2.45 6.03
N SER A 427 26.79 -2.96 5.08
CA SER A 427 27.94 -2.23 4.58
C SER A 427 27.54 -1.39 3.39
N ASN A 428 26.37 -0.78 3.49
CA ASN A 428 25.85 0.03 2.41
C ASN A 428 25.36 1.36 2.93
N VAL A 429 25.69 2.41 2.19
CA VAL A 429 25.33 3.76 2.57
C VAL A 429 24.94 4.58 1.37
N ALA A 430 24.01 5.49 1.59
CA ALA A 430 23.63 6.44 0.55
C ALA A 430 23.39 7.76 1.24
N VAL A 431 23.95 8.82 0.69
CA VAL A 431 23.81 10.16 1.26
C VAL A 431 23.16 11.01 0.20
N VAL A 432 22.06 11.67 0.55
CA VAL A 432 21.34 12.49 -0.40
C VAL A 432 21.25 13.92 0.09
N ALA A 433 21.63 14.87 -0.78
CA ALA A 433 21.57 16.28 -0.44
C ALA A 433 20.57 16.99 -1.34
N VAL A 434 19.65 17.71 -0.72
CA VAL A 434 18.64 18.45 -1.44
C VAL A 434 18.55 19.90 -0.99
N ASN A 435 18.65 20.83 -1.95
CA ASN A 435 18.51 22.26 -1.68
C ASN A 435 17.30 22.75 -2.46
N ARG A 436 16.17 22.87 -1.77
CA ARG A 436 14.94 23.28 -2.45
C ARG A 436 14.93 24.74 -2.88
N ASN A 437 15.77 25.55 -2.28
CA ASN A 437 15.83 26.95 -2.64
C ASN A 437 16.36 27.08 -4.06
N LEU A 438 15.50 27.50 -4.96
CA LEU A 438 15.89 27.61 -6.36
C LEU A 438 16.71 28.85 -6.67
N ASN A 439 16.86 29.75 -5.71
CA ASN A 439 17.62 30.95 -5.98
C ASN A 439 18.85 31.11 -5.16
N ALA A 440 18.98 30.33 -4.09
CA ALA A 440 20.13 30.50 -3.24
C ALA A 440 20.89 29.22 -2.96
N PRO A 441 22.20 29.26 -3.20
CA PRO A 441 23.05 28.13 -2.89
C PRO A 441 23.22 28.06 -1.39
N ALA A 442 23.74 26.94 -0.91
CA ALA A 442 23.98 26.76 0.49
C ALA A 442 25.43 26.33 0.69
N SER A 443 26.01 26.77 1.78
CA SER A 443 27.37 26.43 2.10
C SER A 443 27.34 25.30 3.11
N ILE A 444 27.72 24.10 2.66
CA ILE A 444 27.70 22.93 3.52
C ILE A 444 29.03 22.62 4.19
N SER A 445 29.11 22.88 5.49
CA SER A 445 30.29 22.58 6.25
C SER A 445 29.88 21.84 7.51
N GLY A 446 30.71 20.94 7.99
CA GLY A 446 30.34 20.19 9.19
C GLY A 446 29.52 18.94 8.88
N LEU A 447 29.40 18.58 7.61
CA LEU A 447 28.64 17.38 7.25
C LEU A 447 29.44 16.14 7.63
N VAL A 448 28.82 15.28 8.42
CA VAL A 448 29.42 14.02 8.84
C VAL A 448 28.60 12.86 8.29
N THR A 449 29.26 11.83 7.75
CA THR A 449 28.57 10.69 7.17
C THR A 449 29.19 9.38 7.61
N SER A 450 28.61 8.29 7.11
CA SER A 450 29.09 6.92 7.35
C SER A 450 29.84 6.42 6.12
N LEU A 451 30.09 7.33 5.18
CA LEU A 451 30.78 6.96 3.96
C LEU A 451 32.27 6.75 4.20
N PRO A 452 32.86 5.73 3.56
CA PRO A 452 34.28 5.50 3.73
C PRO A 452 35.07 6.66 3.14
N GLN A 453 36.30 6.81 3.56
CA GLN A 453 37.15 7.86 3.06
C GLN A 453 37.28 7.83 1.54
N GLY A 454 37.25 8.99 0.91
CA GLY A 454 37.37 9.05 -0.54
C GLY A 454 36.52 10.12 -1.18
N SER A 455 36.57 10.16 -2.50
CA SER A 455 35.81 11.11 -3.28
C SER A 455 34.65 10.40 -3.90
N TYR A 456 33.50 11.04 -3.90
CA TYR A 456 32.30 10.44 -4.42
C TYR A 456 31.66 11.26 -5.52
N ASN A 457 31.45 10.63 -6.65
CA ASN A 457 30.78 11.32 -7.74
C ASN A 457 29.28 11.28 -7.51
N ASP A 458 28.61 12.35 -7.91
CA ASP A 458 27.17 12.43 -7.79
C ASP A 458 26.54 11.37 -8.70
N VAL A 459 25.68 10.51 -8.14
CA VAL A 459 25.05 9.49 -8.95
C VAL A 459 24.24 10.13 -10.07
N LEU A 460 23.73 11.33 -9.80
CA LEU A 460 22.94 12.06 -10.78
C LEU A 460 23.79 12.66 -11.88
N GLY A 461 25.11 12.57 -11.73
CA GLY A 461 26.04 13.11 -12.70
C GLY A 461 25.90 14.61 -12.93
N GLY A 462 25.44 15.32 -11.90
CA GLY A 462 25.28 16.76 -12.00
C GLY A 462 24.01 17.15 -12.73
N LEU A 463 23.18 16.16 -13.03
CA LEU A 463 21.93 16.39 -13.72
C LEU A 463 21.07 17.43 -13.02
N LEU A 464 21.07 17.38 -11.70
CA LEU A 464 20.31 18.33 -10.91
C LEU A 464 21.25 19.28 -10.16
N ASN A 465 22.35 19.63 -10.83
CA ASN A 465 23.33 20.53 -10.27
C ASN A 465 24.03 20.01 -9.03
N GLY A 466 24.14 18.68 -8.96
CA GLY A 466 24.82 18.05 -7.85
C GLY A 466 26.32 18.22 -7.99
N ASN A 467 27.08 17.80 -6.99
CA ASN A 467 28.51 17.94 -7.02
C ASN A 467 29.21 16.73 -6.44
N THR A 468 30.51 16.70 -6.58
CA THR A 468 31.31 15.64 -6.03
C THR A 468 31.49 15.87 -4.54
N LEU A 469 31.59 14.78 -3.77
CA LEU A 469 31.77 14.87 -2.33
C LEU A 469 33.15 14.32 -1.94
N SER A 470 33.80 14.99 -0.98
CA SER A 470 35.11 14.55 -0.50
C SER A 470 35.00 14.23 0.97
N VAL A 471 35.23 12.95 1.28
CA VAL A 471 35.10 12.46 2.64
C VAL A 471 36.43 12.06 3.24
N GLY A 472 36.71 12.55 4.45
CA GLY A 472 37.95 12.22 5.10
C GLY A 472 37.77 11.00 5.98
N SER A 473 38.72 10.76 6.86
CA SER A 473 38.51 9.63 7.72
C SER A 473 37.48 10.08 8.74
N GLY A 474 36.78 9.16 9.35
CA GLY A 474 35.78 9.58 10.31
C GLY A 474 34.47 9.96 9.65
N GLY A 475 34.44 9.95 8.31
CA GLY A 475 33.25 10.25 7.56
C GLY A 475 32.94 11.73 7.37
N ALA A 476 33.85 12.60 7.80
CA ALA A 476 33.61 14.04 7.66
C ALA A 476 33.82 14.51 6.23
N ALA A 477 32.86 15.25 5.71
CA ALA A 477 32.98 15.76 4.36
C ALA A 477 33.62 17.14 4.34
N SER A 478 34.46 17.39 3.33
CA SER A 478 35.09 18.70 3.19
C SER A 478 34.03 19.70 2.80
N ASN A 479 34.23 20.96 3.13
CA ASN A 479 33.26 22.00 2.78
C ASN A 479 32.91 21.96 1.31
N PHE A 480 31.65 22.22 1.00
CA PHE A 480 31.23 22.25 -0.37
C PHE A 480 30.03 23.16 -0.56
N THR A 481 29.83 23.58 -1.78
CA THR A 481 28.70 24.41 -2.13
C THR A 481 27.60 23.56 -2.71
N LEU A 482 26.42 23.65 -2.12
CA LEU A 482 25.27 22.94 -2.63
C LEU A 482 24.51 23.97 -3.47
N ALA A 483 24.58 23.80 -4.79
CA ALA A 483 23.97 24.73 -5.71
C ALA A 483 22.51 24.98 -5.47
N ALA A 484 22.05 26.11 -5.99
CA ALA A 484 20.64 26.45 -5.90
C ALA A 484 19.88 25.35 -6.63
N GLY A 485 18.85 24.85 -6.00
CA GLY A 485 18.06 23.77 -6.58
C GLY A 485 18.89 22.49 -6.72
N GLY A 486 20.05 22.48 -6.08
CA GLY A 486 20.93 21.33 -6.16
C GLY A 486 20.39 20.08 -5.49
N THR A 487 20.67 18.95 -6.14
CA THR A 487 20.30 17.65 -5.64
C THR A 487 21.42 16.69 -6.01
N ALA A 488 21.97 16.04 -5.01
CA ALA A 488 23.06 15.13 -5.26
C ALA A 488 22.92 13.84 -4.48
N VAL A 489 23.45 12.77 -5.06
CA VAL A 489 23.40 11.46 -4.40
C VAL A 489 24.78 10.83 -4.37
N TRP A 490 25.23 10.43 -3.18
CA TRP A 490 26.52 9.78 -3.01
C TRP A 490 26.30 8.43 -2.35
N GLN A 491 27.03 7.41 -2.80
CA GLN A 491 26.79 6.11 -2.21
C GLN A 491 28.03 5.25 -2.09
N TYR A 492 27.87 4.20 -1.31
CA TYR A 492 28.93 3.24 -1.09
C TYR A 492 28.32 1.91 -0.83
N THR A 493 28.74 0.90 -1.57
CA THR A 493 28.22 -0.43 -1.37
C THR A 493 29.35 -1.42 -1.21
N ALA A 494 29.09 -2.42 -0.38
CA ALA A 494 30.05 -3.48 -0.13
C ALA A 494 29.34 -4.66 0.49
N ALA A 495 29.97 -5.83 0.40
CA ALA A 495 29.40 -7.03 0.96
C ALA A 495 29.20 -6.88 2.45
N THR A 496 28.09 -7.42 2.96
CA THR A 496 27.79 -7.34 4.38
C THR A 496 28.17 -8.67 5.02
N ALA A 497 29.01 -8.61 6.06
CA ALA A 497 29.50 -9.82 6.70
C ALA A 497 28.54 -10.46 7.67
N THR A 498 27.78 -9.62 8.37
CA THR A 498 26.84 -10.10 9.34
C THR A 498 25.41 -10.16 8.79
N PRO A 499 24.68 -11.20 9.20
CA PRO A 499 23.31 -11.35 8.75
C PRO A 499 22.54 -10.14 9.16
N THR A 500 21.86 -9.54 8.20
CA THR A 500 21.07 -8.34 8.46
C THR A 500 19.71 -8.43 7.78
N ILE A 501 18.65 -8.36 8.56
CA ILE A 501 17.32 -8.42 8.00
C ILE A 501 16.84 -7.05 7.57
N GLY A 502 16.46 -6.93 6.29
CA GLY A 502 15.98 -5.68 5.75
C GLY A 502 14.47 -5.67 5.53
N HIS A 503 13.89 -6.87 5.40
CA HIS A 503 12.45 -6.95 5.16
C HIS A 503 11.91 -8.36 5.40
N VAL A 504 10.64 -8.41 5.79
CA VAL A 504 9.92 -9.67 6.01
C VAL A 504 8.52 -9.55 5.42
N GLY A 505 8.08 -10.56 4.67
CA GLY A 505 6.74 -10.52 4.11
C GLY A 505 6.24 -11.91 3.77
N PRO A 506 4.95 -12.18 3.98
CA PRO A 506 3.99 -11.24 4.56
C PRO A 506 4.25 -11.12 6.05
N MET A 507 3.56 -10.19 6.71
CA MET A 507 3.75 -9.99 8.12
C MET A 507 2.64 -10.60 8.99
N MET A 508 1.75 -11.34 8.36
CA MET A 508 0.63 -11.95 9.06
C MET A 508 0.12 -13.19 8.35
N ALA A 509 0.15 -14.32 9.04
CA ALA A 509 -0.31 -15.55 8.45
C ALA A 509 -0.35 -16.67 9.46
N LYS A 510 -0.99 -17.76 9.08
CA LYS A 510 -1.11 -18.90 9.96
C LYS A 510 0.08 -19.85 9.80
N PRO A 511 0.26 -20.73 10.77
CA PRO A 511 1.37 -21.66 10.68
C PRO A 511 1.34 -22.47 9.39
N GLY A 512 2.53 -22.78 8.87
CA GLY A 512 2.64 -23.55 7.65
C GLY A 512 2.83 -22.70 6.41
N VAL A 513 2.42 -21.44 6.49
CA VAL A 513 2.58 -20.54 5.36
C VAL A 513 4.04 -20.16 5.23
N THR A 514 4.51 -19.98 4.00
CA THR A 514 5.89 -19.61 3.78
C THR A 514 6.09 -18.10 3.77
N ILE A 515 7.06 -17.62 4.56
CA ILE A 515 7.38 -16.21 4.58
C ILE A 515 8.73 -15.97 3.93
N THR A 516 8.98 -14.73 3.53
CA THR A 516 10.20 -14.36 2.86
C THR A 516 10.94 -13.35 3.69
N ILE A 517 12.17 -13.70 4.07
CA ILE A 517 13.04 -12.85 4.87
C ILE A 517 14.15 -12.38 3.97
N ASP A 518 14.20 -11.08 3.72
CA ASP A 518 15.17 -10.51 2.81
C ASP A 518 16.18 -9.64 3.51
N GLY A 519 17.37 -9.57 2.93
CA GLY A 519 18.41 -8.73 3.51
C GLY A 519 19.76 -9.00 2.90
N ARG A 520 20.77 -9.01 3.77
CA ARG A 520 22.14 -9.26 3.36
C ARG A 520 22.91 -9.99 4.44
N GLY A 521 23.97 -10.70 4.03
CA GLY A 521 24.84 -11.39 4.97
C GLY A 521 24.27 -12.67 5.60
N PHE A 522 23.25 -13.25 4.97
CA PHE A 522 22.69 -14.45 5.53
C PHE A 522 23.63 -15.64 5.34
N GLY A 523 24.50 -15.54 4.34
CA GLY A 523 25.42 -16.62 4.01
C GLY A 523 24.74 -17.61 3.07
N SER A 524 25.51 -18.53 2.50
CA SER A 524 24.93 -19.48 1.57
C SER A 524 24.40 -20.75 2.24
N SER A 525 24.90 -21.05 3.42
CA SER A 525 24.47 -22.26 4.13
C SER A 525 23.29 -22.00 5.04
N LYS A 526 22.33 -22.93 5.04
CA LYS A 526 21.15 -22.81 5.87
C LYS A 526 21.51 -22.53 7.31
N GLY A 527 20.83 -21.54 7.91
CA GLY A 527 21.07 -21.20 9.29
C GLY A 527 19.87 -21.55 10.16
N THR A 528 19.50 -20.62 11.03
CA THR A 528 18.35 -20.79 11.92
C THR A 528 17.48 -19.57 11.83
N VAL A 529 16.16 -19.78 11.88
CA VAL A 529 15.20 -18.69 11.89
C VAL A 529 14.48 -18.69 13.23
N TYR A 530 14.34 -17.53 13.86
CA TYR A 530 13.67 -17.45 15.14
C TYR A 530 12.37 -16.67 15.06
N PHE A 531 11.34 -17.25 15.64
CA PHE A 531 10.02 -16.63 15.78
C PHE A 531 9.93 -16.42 17.27
N GLY A 532 10.27 -15.23 17.72
CA GLY A 532 10.29 -15.04 19.15
C GLY A 532 11.46 -15.91 19.65
N THR A 533 11.22 -16.74 20.66
CA THR A 533 12.26 -17.63 21.18
C THR A 533 12.35 -18.95 20.42
N THR A 534 11.30 -19.26 19.67
CA THR A 534 11.26 -20.51 18.93
C THR A 534 12.21 -20.56 17.76
N ALA A 535 13.02 -21.62 17.72
CA ALA A 535 13.97 -21.82 16.65
C ALA A 535 13.43 -22.75 15.55
N VAL A 536 13.67 -22.34 14.31
CA VAL A 536 13.28 -23.09 13.12
C VAL A 536 14.51 -23.31 12.28
N SER A 537 14.75 -24.56 11.91
CA SER A 537 15.92 -24.87 11.10
C SER A 537 15.66 -26.13 10.29
N GLY A 538 16.55 -26.47 9.39
CA GLY A 538 16.35 -27.67 8.60
C GLY A 538 15.27 -27.55 7.53
N ALA A 539 14.50 -28.63 7.39
CA ALA A 539 13.47 -28.78 6.40
C ALA A 539 12.49 -27.63 6.23
N ASP A 540 12.00 -27.09 7.34
CA ASP A 540 11.04 -25.98 7.29
C ASP A 540 11.61 -24.72 6.66
N ILE A 541 12.94 -24.67 6.55
CA ILE A 541 13.60 -23.59 5.85
C ILE A 541 13.67 -24.09 4.42
N THR A 542 12.71 -23.68 3.61
CA THR A 542 12.63 -24.14 2.23
C THR A 542 13.87 -23.82 1.42
N SER A 543 14.33 -22.60 1.55
CA SER A 543 15.50 -22.18 0.83
C SER A 543 16.22 -21.09 1.59
N TRP A 544 17.51 -21.04 1.39
CA TRP A 544 18.33 -20.07 2.07
C TRP A 544 19.50 -19.63 1.22
N GLU A 545 19.61 -18.31 1.04
CA GLU A 545 20.71 -17.71 0.30
C GLU A 545 21.09 -16.40 0.92
N ASP A 546 22.22 -15.84 0.50
CA ASP A 546 22.72 -14.60 1.10
C ASP A 546 21.74 -13.46 1.34
N THR A 547 20.84 -13.23 0.39
CA THR A 547 19.90 -12.12 0.49
C THR A 547 18.46 -12.54 0.71
N GLN A 548 18.17 -13.83 0.72
CA GLN A 548 16.79 -14.23 0.87
C GLN A 548 16.60 -15.62 1.45
N ILE A 549 15.67 -15.70 2.40
CA ILE A 549 15.31 -16.94 3.07
C ILE A 549 13.83 -17.19 2.94
N LYS A 550 13.47 -18.43 2.63
CA LYS A 550 12.07 -18.81 2.55
C LYS A 550 11.85 -19.82 3.69
N VAL A 551 10.94 -19.52 4.59
CA VAL A 551 10.74 -20.41 5.72
C VAL A 551 9.28 -20.54 6.09
N LYS A 552 8.87 -21.73 6.50
CA LYS A 552 7.50 -21.97 6.90
C LYS A 552 7.28 -21.53 8.35
N ILE A 553 6.17 -20.86 8.59
CA ILE A 553 5.86 -20.43 9.94
C ILE A 553 5.61 -21.64 10.83
N PRO A 554 6.30 -21.71 11.98
CA PRO A 554 6.14 -22.84 12.90
C PRO A 554 4.76 -22.82 13.55
N ALA A 555 4.35 -23.99 14.02
CA ALA A 555 3.07 -24.14 14.68
C ALA A 555 3.08 -23.58 16.10
N VAL A 556 3.38 -22.30 16.23
CA VAL A 556 3.37 -21.67 17.54
C VAL A 556 1.98 -21.09 17.80
N ALA A 557 1.70 -20.79 19.06
CA ALA A 557 0.42 -20.23 19.38
C ALA A 557 0.24 -18.88 18.66
N GLY A 558 -1.01 -18.52 18.36
CA GLY A 558 -1.25 -17.24 17.70
C GLY A 558 -0.68 -16.12 18.57
N GLY A 559 -0.12 -15.11 17.92
CA GLY A 559 0.46 -14.00 18.65
C GLY A 559 1.43 -13.18 17.80
N ASN A 560 2.04 -12.20 18.46
CA ASN A 560 3.01 -11.33 17.83
C ASN A 560 4.41 -11.77 18.18
N TYR A 561 5.23 -11.98 17.17
CA TYR A 561 6.58 -12.45 17.34
C TYR A 561 7.62 -11.60 16.62
N ASN A 562 8.79 -11.55 17.22
CA ASN A 562 9.91 -10.86 16.63
C ASN A 562 10.70 -11.86 15.81
N ILE A 563 11.03 -11.50 14.58
CA ILE A 563 11.80 -12.37 13.70
C ILE A 563 13.28 -12.04 13.78
N LYS A 564 14.09 -13.08 13.77
CA LYS A 564 15.53 -12.97 13.82
C LYS A 564 16.12 -14.19 13.13
N VAL A 565 17.32 -14.05 12.58
CA VAL A 565 17.97 -15.19 11.94
C VAL A 565 19.39 -15.29 12.46
N ALA A 566 20.00 -16.44 12.21
CA ALA A 566 21.38 -16.68 12.57
C ALA A 566 22.00 -17.43 11.43
N ASN A 567 23.24 -17.06 11.05
CA ASN A 567 23.88 -17.77 9.95
C ASN A 567 24.33 -19.15 10.41
N ALA A 568 24.84 -19.97 9.50
CA ALA A 568 25.29 -21.32 9.83
C ALA A 568 26.31 -21.33 10.97
N ALA A 569 27.05 -20.23 11.10
CA ALA A 569 28.06 -20.10 12.13
C ALA A 569 27.47 -19.75 13.49
N GLY A 570 26.20 -19.38 13.51
CA GLY A 570 25.54 -19.03 14.76
C GLY A 570 25.41 -17.52 15.04
N THR A 571 25.90 -16.68 14.12
CA THR A 571 25.80 -15.23 14.32
C THR A 571 24.39 -14.72 14.07
N ALA A 572 23.83 -14.08 15.08
CA ALA A 572 22.48 -13.57 15.01
C ALA A 572 22.38 -12.22 14.32
N SER A 573 21.24 -11.99 13.71
CA SER A 573 20.97 -10.74 13.01
C SER A 573 20.20 -9.81 13.91
N ASN A 574 19.83 -8.67 13.34
CA ASN A 574 19.01 -7.72 14.02
C ASN A 574 17.62 -8.34 14.07
N VAL A 575 16.75 -7.75 14.85
CA VAL A 575 15.40 -8.24 15.01
C VAL A 575 14.41 -7.42 14.21
N TYR A 576 13.53 -8.13 13.51
CA TYR A 576 12.47 -7.54 12.71
C TYR A 576 11.20 -7.86 13.46
N ASP A 577 10.61 -6.90 14.13
CA ASP A 577 9.48 -7.24 14.95
C ASP A 577 8.12 -7.18 14.33
N ASN A 578 7.12 -7.38 15.20
CA ASN A 578 5.74 -7.28 14.81
C ASN A 578 5.18 -8.35 13.88
N PHE A 579 5.77 -9.53 13.86
CA PHE A 579 5.22 -10.57 13.00
C PHE A 579 4.00 -11.17 13.66
N GLU A 580 2.91 -11.33 12.92
CA GLU A 580 1.73 -11.88 13.53
C GLU A 580 1.43 -13.28 13.06
N VAL A 581 1.48 -14.22 13.98
CA VAL A 581 1.12 -15.57 13.65
C VAL A 581 -0.37 -15.70 13.95
N LEU A 582 -1.17 -16.06 12.95
CA LEU A 582 -2.60 -16.22 13.17
C LEU A 582 -2.88 -17.56 13.85
N SER A 583 -4.05 -17.67 14.47
CA SER A 583 -4.44 -18.90 15.14
C SER A 583 -4.99 -19.93 14.16
N GLY A 584 -5.08 -19.54 12.89
CA GLY A 584 -5.60 -20.41 11.83
C GLY A 584 -6.29 -19.58 10.76
N ASP A 585 -7.08 -20.23 9.88
CA ASP A 585 -7.82 -19.50 8.86
C ASP A 585 -8.76 -18.53 9.56
N GLN A 586 -9.08 -17.42 8.90
CA GLN A 586 -9.91 -16.41 9.51
C GLN A 586 -11.26 -16.24 8.84
N VAL A 587 -12.20 -15.77 9.66
CA VAL A 587 -13.55 -15.40 9.27
C VAL A 587 -13.86 -14.07 9.92
N SER A 588 -14.70 -13.27 9.25
CA SER A 588 -15.09 -11.97 9.78
C SER A 588 -16.40 -12.10 10.55
N VAL A 589 -16.33 -11.79 11.83
CA VAL A 589 -17.47 -11.88 12.71
C VAL A 589 -17.84 -10.55 13.30
N ARG A 590 -19.13 -10.24 13.30
CA ARG A 590 -19.61 -9.00 13.89
C ARG A 590 -20.03 -9.23 15.33
N PHE A 591 -19.40 -8.51 16.26
CA PHE A 591 -19.71 -8.60 17.67
C PHE A 591 -20.61 -7.43 18.04
N VAL A 592 -21.69 -7.73 18.75
CA VAL A 592 -22.62 -6.70 19.19
C VAL A 592 -22.87 -6.80 20.67
N VAL A 593 -22.71 -5.69 21.37
CA VAL A 593 -22.95 -5.67 22.80
C VAL A 593 -24.00 -4.64 23.11
N ASN A 594 -25.07 -5.06 23.79
CA ASN A 594 -26.17 -4.15 24.12
C ASN A 594 -26.08 -3.56 25.52
N ASN A 595 -26.54 -2.33 25.61
CA ASN A 595 -26.59 -1.61 26.88
C ASN A 595 -25.26 -1.46 27.57
N ALA A 596 -24.31 -0.93 26.84
CA ALA A 596 -22.99 -0.67 27.38
C ALA A 596 -22.81 0.84 27.49
N THR A 597 -23.28 1.40 28.61
CA THR A 597 -23.21 2.83 28.84
C THR A 597 -21.82 3.31 29.18
N THR A 598 -21.50 4.48 28.68
CA THR A 598 -20.21 5.06 28.90
C THR A 598 -20.31 6.56 29.10
N ALA A 599 -19.20 7.12 29.53
CA ALA A 599 -19.09 8.53 29.71
C ALA A 599 -18.31 9.01 28.51
N LEU A 600 -18.50 10.28 28.16
CA LEU A 600 -17.81 10.89 27.05
C LEU A 600 -16.30 10.61 27.10
N GLY A 601 -15.76 10.05 26.03
CA GLY A 601 -14.33 9.74 25.98
C GLY A 601 -14.02 8.29 26.33
N GLN A 602 -14.99 7.64 26.94
CA GLN A 602 -14.86 6.25 27.31
C GLN A 602 -15.45 5.41 26.19
N ASN A 603 -14.77 4.32 25.80
CA ASN A 603 -15.28 3.51 24.71
C ASN A 603 -15.26 2.04 25.01
N VAL A 604 -16.13 1.30 24.32
CA VAL A 604 -16.22 -0.14 24.48
C VAL A 604 -15.26 -0.86 23.54
N TYR A 605 -14.60 -1.89 24.09
CA TYR A 605 -13.64 -2.72 23.38
C TYR A 605 -13.97 -4.18 23.62
N LEU A 606 -13.41 -5.03 22.76
CA LEU A 606 -13.63 -6.48 22.84
C LEU A 606 -12.31 -7.19 23.18
N THR A 607 -12.40 -8.18 24.08
CA THR A 607 -11.23 -8.94 24.49
C THR A 607 -11.62 -10.41 24.56
N GLY A 608 -10.66 -11.32 24.42
CA GLY A 608 -11.02 -12.71 24.46
C GLY A 608 -9.82 -13.67 24.51
N SER A 609 -10.20 -14.94 24.48
CA SER A 609 -9.34 -16.10 24.62
C SER A 609 -8.46 -16.49 23.43
N VAL A 610 -8.35 -15.64 22.41
CA VAL A 610 -7.49 -15.93 21.27
C VAL A 610 -6.65 -14.70 20.96
N SER A 611 -5.47 -14.90 20.37
CA SER A 611 -4.62 -13.79 20.05
C SER A 611 -5.34 -12.75 19.19
N GLU A 612 -6.28 -13.22 18.37
CA GLU A 612 -7.05 -12.34 17.51
C GLU A 612 -7.88 -11.35 18.33
N LEU A 613 -8.10 -11.69 19.60
CA LEU A 613 -8.86 -10.84 20.49
C LEU A 613 -7.95 -10.26 21.56
N GLY A 614 -6.64 -10.45 21.37
CA GLY A 614 -5.67 -9.90 22.31
C GLY A 614 -5.37 -10.78 23.52
N ASN A 615 -5.87 -12.02 23.54
CA ASN A 615 -5.61 -12.92 24.66
C ASN A 615 -5.83 -12.32 26.05
N TRP A 616 -6.98 -11.66 26.24
CA TRP A 616 -7.39 -11.07 27.50
C TRP A 616 -6.58 -9.87 27.96
N ASP A 617 -5.67 -9.40 27.10
CA ASP A 617 -4.84 -8.24 27.44
C ASP A 617 -5.54 -6.95 27.00
N PRO A 618 -6.00 -6.17 27.94
CA PRO A 618 -6.70 -4.96 27.59
C PRO A 618 -5.90 -4.04 26.67
N ALA A 619 -4.58 -4.09 26.80
CA ALA A 619 -3.75 -3.27 25.95
C ALA A 619 -3.86 -3.69 24.50
N LYS A 620 -4.32 -4.93 24.28
CA LYS A 620 -4.47 -5.48 22.95
C LYS A 620 -5.93 -5.69 22.55
N ALA A 621 -6.86 -5.06 23.27
CA ALA A 621 -8.28 -5.22 22.97
C ALA A 621 -8.69 -4.65 21.62
N ILE A 622 -9.76 -5.17 21.08
CA ILE A 622 -10.28 -4.75 19.79
C ILE A 622 -11.24 -3.56 19.94
N GLY A 623 -10.97 -2.52 19.19
CA GLY A 623 -11.80 -1.34 19.23
C GLY A 623 -11.00 -0.07 18.99
N PRO A 624 -11.57 1.06 19.35
CA PRO A 624 -12.89 1.16 19.97
C PRO A 624 -14.02 0.74 19.05
N MET A 625 -15.07 0.18 19.63
CA MET A 625 -16.23 -0.25 18.88
C MET A 625 -17.06 0.93 18.40
N TYR A 626 -17.97 0.65 17.47
CA TYR A 626 -18.86 1.65 16.86
C TYR A 626 -20.22 1.68 17.53
N ASN A 627 -20.93 2.79 17.39
CA ASN A 627 -22.23 2.89 18.03
C ASN A 627 -23.14 3.93 17.40
N GLN A 628 -22.94 4.19 16.10
CA GLN A 628 -23.74 5.18 15.41
C GLN A 628 -24.64 4.60 14.31
N VAL A 629 -24.02 3.97 13.32
CA VAL A 629 -24.67 3.47 12.12
C VAL A 629 -25.49 2.20 12.19
N VAL A 630 -24.81 1.05 12.19
CA VAL A 630 -25.50 -0.23 12.21
C VAL A 630 -26.32 -0.45 13.48
N TYR A 631 -25.73 -0.07 14.60
CA TYR A 631 -26.39 -0.15 15.89
C TYR A 631 -26.19 1.19 16.55
N GLN A 632 -27.06 1.54 17.49
CA GLN A 632 -26.95 2.84 18.16
C GLN A 632 -26.70 2.73 19.65
N TYR A 633 -25.86 3.65 20.15
CA TYR A 633 -25.54 3.73 21.57
C TYR A 633 -26.86 3.70 22.35
N PRO A 634 -26.93 3.01 23.50
CA PRO A 634 -25.83 2.34 24.18
C PRO A 634 -25.45 0.97 23.63
N ASN A 635 -25.80 0.68 22.40
CA ASN A 635 -25.42 -0.59 21.82
C ASN A 635 -24.20 -0.33 20.97
N TRP A 636 -23.23 -1.25 21.01
CA TRP A 636 -22.00 -1.09 20.24
C TRP A 636 -21.75 -2.31 19.37
N TYR A 637 -21.02 -2.10 18.27
CA TYR A 637 -20.71 -3.19 17.36
C TYR A 637 -19.35 -3.04 16.70
N TYR A 638 -18.83 -4.15 16.18
CA TYR A 638 -17.53 -4.14 15.52
C TYR A 638 -17.28 -5.43 14.77
N ASP A 639 -16.68 -5.31 13.60
CA ASP A 639 -16.39 -6.46 12.77
C ASP A 639 -14.94 -6.90 13.02
N VAL A 640 -14.76 -8.16 13.41
CA VAL A 640 -13.47 -8.66 13.79
C VAL A 640 -13.04 -9.93 13.09
N SER A 641 -11.74 -9.99 12.79
CA SER A 641 -11.15 -11.17 12.19
C SER A 641 -10.84 -12.17 13.29
N VAL A 642 -11.51 -13.34 13.24
CA VAL A 642 -11.30 -14.39 14.24
C VAL A 642 -11.02 -15.73 13.56
N PRO A 643 -10.38 -16.63 14.32
CA PRO A 643 -10.05 -17.94 13.78
C PRO A 643 -11.29 -18.80 13.50
N ALA A 644 -11.41 -19.22 12.26
CA ALA A 644 -12.52 -20.04 11.79
C ALA A 644 -12.74 -21.29 12.60
N GLY A 645 -14.01 -21.55 12.89
CA GLY A 645 -14.46 -22.73 13.61
C GLY A 645 -13.98 -22.88 15.04
N LYS A 646 -13.33 -21.87 15.60
CA LYS A 646 -12.85 -21.98 16.97
C LYS A 646 -13.88 -21.54 18.00
N THR A 647 -13.85 -22.20 19.15
CA THR A 647 -14.71 -21.83 20.24
C THR A 647 -13.95 -20.79 21.02
N ILE A 648 -14.53 -19.61 21.11
CA ILE A 648 -13.88 -18.48 21.74
C ILE A 648 -14.66 -17.87 22.89
N GLU A 649 -13.94 -17.56 23.97
CA GLU A 649 -14.53 -16.91 25.10
C GLU A 649 -14.16 -15.44 25.01
N PHE A 650 -15.08 -14.57 25.39
CA PHE A 650 -14.81 -13.16 25.29
C PHE A 650 -15.61 -12.34 26.28
N LYS A 651 -15.19 -11.08 26.41
CA LYS A 651 -15.82 -10.12 27.25
C LYS A 651 -15.64 -8.74 26.67
N PHE A 652 -16.46 -7.81 27.11
CA PHE A 652 -16.34 -6.45 26.67
C PHE A 652 -15.70 -5.63 27.77
N LEU A 653 -15.08 -4.53 27.35
CA LEU A 653 -14.42 -3.62 28.27
C LEU A 653 -14.83 -2.21 27.97
N LYS A 654 -14.68 -1.36 28.97
CA LYS A 654 -14.92 0.06 28.84
C LYS A 654 -13.59 0.69 29.17
N LYS A 655 -12.99 1.37 28.18
CA LYS A 655 -11.69 1.99 28.35
C LYS A 655 -11.64 3.48 28.08
N GLN A 656 -10.88 4.16 28.92
CA GLN A 656 -10.59 5.58 28.85
C GLN A 656 -9.09 5.63 28.98
N GLY A 657 -8.38 5.94 27.91
CA GLY A 657 -6.94 5.89 28.00
C GLY A 657 -6.59 4.42 28.27
N SER A 658 -5.70 4.14 29.22
CA SER A 658 -5.36 2.77 29.53
C SER A 658 -6.15 2.26 30.72
N THR A 659 -7.07 3.08 31.20
CA THR A 659 -7.91 2.70 32.33
C THR A 659 -9.03 1.81 31.81
N VAL A 660 -9.16 0.61 32.42
CA VAL A 660 -10.15 -0.35 31.95
C VAL A 660 -11.16 -0.85 32.99
N THR A 661 -12.38 -0.97 32.51
CA THR A 661 -13.49 -1.48 33.27
C THR A 661 -13.98 -2.73 32.58
N TRP A 662 -13.90 -3.86 33.29
CA TRP A 662 -14.31 -5.16 32.79
C TRP A 662 -15.76 -5.48 33.01
N GLU A 663 -16.33 -6.17 32.05
CA GLU A 663 -17.67 -6.65 32.17
C GLU A 663 -17.66 -7.61 33.36
N GLY A 664 -18.73 -7.67 34.12
CA GLY A 664 -18.79 -8.59 35.24
C GLY A 664 -19.28 -9.95 34.74
N GLY A 665 -19.55 -10.86 35.68
CA GLY A 665 -20.04 -12.18 35.36
C GLY A 665 -19.02 -13.08 34.65
N SER A 666 -19.52 -14.14 34.03
CA SER A 666 -18.64 -15.05 33.34
C SER A 666 -18.46 -14.66 31.89
N ASN A 667 -17.44 -15.21 31.28
CA ASN A 667 -17.18 -14.90 29.90
C ASN A 667 -18.30 -15.31 29.00
N HIS A 668 -18.39 -14.60 27.90
CA HIS A 668 -19.33 -14.94 26.88
C HIS A 668 -18.62 -16.01 26.05
N THR A 669 -19.36 -16.82 25.32
CA THR A 669 -18.75 -17.86 24.51
C THR A 669 -19.43 -18.01 23.18
N PHE A 670 -18.69 -18.43 22.20
CA PHE A 670 -19.25 -18.66 20.89
C PHE A 670 -18.30 -19.46 20.06
N THR A 671 -18.83 -20.02 18.98
CA THR A 671 -18.04 -20.78 18.04
C THR A 671 -18.07 -20.11 16.69
N ALA A 672 -16.91 -19.66 16.23
CA ALA A 672 -16.82 -18.97 14.96
C ALA A 672 -17.18 -19.88 13.80
N PRO A 673 -17.82 -19.33 12.77
CA PRO A 673 -18.19 -20.11 11.60
C PRO A 673 -16.95 -20.67 10.91
N SER A 674 -17.16 -21.70 10.09
CA SER A 674 -16.04 -22.32 9.40
C SER A 674 -15.72 -21.55 8.13
N SER A 675 -16.70 -20.80 7.68
CA SER A 675 -16.58 -19.97 6.50
C SER A 675 -17.71 -18.97 6.51
N GLY A 676 -17.58 -17.90 5.72
CA GLY A 676 -18.61 -16.88 5.70
C GLY A 676 -18.56 -16.07 7.00
N THR A 677 -19.60 -15.30 7.24
CA THR A 677 -19.65 -14.46 8.41
C THR A 677 -20.64 -14.91 9.45
N ALA A 678 -20.73 -14.13 10.51
CA ALA A 678 -21.64 -14.39 11.60
C ALA A 678 -21.77 -13.16 12.44
N THR A 679 -22.84 -13.11 13.22
CA THR A 679 -23.11 -12.01 14.12
C THR A 679 -23.41 -12.54 15.50
N ILE A 680 -22.59 -12.15 16.46
CA ILE A 680 -22.73 -12.57 17.85
C ILE A 680 -23.25 -11.39 18.64
N ASN A 681 -24.48 -11.51 19.12
CA ASN A 681 -25.10 -10.45 19.86
C ASN A 681 -25.34 -10.80 21.33
N VAL A 682 -24.76 -10.02 22.23
CA VAL A 682 -24.92 -10.28 23.65
C VAL A 682 -25.15 -9.00 24.43
N ASN A 683 -25.49 -9.14 25.71
CA ASN A 683 -25.72 -7.98 26.55
C ASN A 683 -24.56 -7.73 27.49
N TRP A 684 -24.28 -6.46 27.74
CA TRP A 684 -23.20 -6.14 28.65
C TRP A 684 -23.53 -6.64 30.04
N GLN A 685 -22.62 -7.37 30.66
CA GLN A 685 -22.84 -7.90 31.99
C GLN A 685 -22.20 -7.03 33.04
N PRO A 686 -22.99 -6.51 33.95
CA PRO A 686 -22.44 -5.66 34.98
C PRO A 686 -21.66 -6.49 35.99
C1 GLC B . -10.79 4.68 -5.10
C2 GLC B . -10.05 5.36 -6.24
C3 GLC B . -10.81 6.55 -6.78
C4 GLC B . -12.21 6.08 -7.12
C5 GLC B . -12.87 5.63 -5.84
C6 GLC B . -14.33 5.29 -5.97
O2 GLC B . -8.75 5.75 -5.80
O3 GLC B . -10.20 7.05 -7.97
O4 GLC B . -12.94 7.14 -7.76
O5 GLC B . -12.17 4.45 -5.44
O6 GLC B . -14.60 4.52 -7.14
C1 GLC B . -13.69 6.77 -8.89
C2 GLC B . -13.24 7.59 -10.08
C3 GLC B . -13.74 9.01 -9.99
C4 GLC B . -15.23 9.05 -9.69
C5 GLC B . -15.53 8.25 -8.45
C6 GLC B . -16.99 8.20 -8.12
O2 GLC B . -11.82 7.59 -10.17
O3 GLC B . -13.51 9.67 -11.24
O4 GLC B . -15.61 10.42 -9.45
O5 GLC B . -15.08 6.90 -8.63
O6 GLC B . -17.71 7.46 -9.12
C1 G4D B . -16.87 10.86 -9.92
C2 G4D B . -16.66 12.03 -10.85
C3 G4D B . -16.04 13.18 -10.11
C4 G4D B . -16.71 13.51 -8.79
C5 G4D B . -17.06 12.27 -7.99
C6 G4D B . -17.99 12.55 -6.86
O2 G4D B . -15.82 11.61 -11.91
O3 G4D B . -16.05 14.38 -10.91
O5 G4D B . -17.68 11.28 -8.84
O6 G4D B . -18.45 13.91 -6.89
C1 GLC C . -23.42 9.49 25.29
C2 GLC C . -22.39 8.72 26.08
C3 GLC C . -21.04 8.83 25.40
C4 GLC C . -21.15 8.30 23.98
C5 GLC C . -22.24 9.04 23.22
C6 GLC C . -22.51 8.35 21.92
O1 GLC C . -23.06 10.86 25.33
O2 GLC C . -22.29 9.25 27.38
O3 GLC C . -20.05 8.06 26.07
O4 GLC C . -19.90 8.52 23.30
O5 GLC C . -23.48 9.04 23.95
O6 GLC C . -23.35 9.14 21.08
C1 G4D C . -19.13 7.41 22.95
C2 G4D C . -17.71 7.65 23.39
C3 G4D C . -17.09 8.77 22.59
C4 G4D C . -17.20 8.55 21.10
C5 G4D C . -18.63 8.19 20.71
C6 G4D C . -18.71 7.68 19.29
O2 G4D C . -17.69 7.98 24.77
O3 G4D C . -15.70 8.92 22.92
O5 G4D C . -19.19 7.17 21.54
O6 G4D C . -20.05 7.75 18.80
C1 GLF D . -11.97 -8.96 36.10
C2 GLF D . -12.98 -9.50 35.12
C3 GLF D . -12.55 -10.84 34.57
C4 GLF D . -11.13 -10.76 34.02
C5 GLF D . -10.20 -10.27 35.10
C6 GLF D . -8.83 -10.06 34.53
F1 GLF D . -11.93 -10.00 37.45
O2 GLF D . -14.23 -9.63 35.77
O3 GLF D . -13.42 -11.21 33.49
O4 GLF D . -10.71 -12.07 33.59
O5 GLF D . -10.65 -8.99 35.57
O6 GLF D . -7.96 -9.49 35.51
C1 GLC D . -10.41 -12.24 32.22
C2 GLC D . -11.17 -13.45 31.72
C3 GLC D . -10.56 -14.73 32.25
C4 GLC D . -9.10 -14.78 31.89
C5 GLC D . -8.41 -13.57 32.49
C6 GLC D . -6.96 -13.52 32.15
O2 GLC D . -12.52 -13.37 32.15
O3 GLC D . -11.22 -15.86 31.68
O4 GLC D . -8.54 -15.98 32.45
O5 GLC D . -9.01 -12.37 31.99
O6 GLC D . -6.31 -12.48 32.89
C1 G4D D . -7.98 -16.96 31.58
C2 G4D D . -8.54 -18.31 31.98
C3 G4D D . -8.11 -18.66 33.38
C4 G4D D . -6.60 -18.57 33.55
C5 G4D D . -6.07 -17.26 32.99
C6 G4D D . -4.57 -17.26 32.92
O2 G4D D . -9.95 -18.28 31.89
O3 G4D D . -8.49 -20.00 33.73
O5 G4D D . -6.57 -16.98 31.68
O6 G4D D . -4.04 -16.20 33.72
C1 GLF E . 24.74 23.87 10.15
C2 GLF E . 23.55 22.98 9.84
C3 GLF E . 23.49 21.80 10.78
C4 GLF E . 24.83 21.09 10.82
C5 GLF E . 25.93 22.05 11.19
C6 GLF E . 27.26 21.37 11.10
F1 GLF E . 24.51 24.47 11.64
O2 GLF E . 22.37 23.76 9.98
O3 GLF E . 22.53 20.86 10.34
O4 GLF E . 24.76 20.03 11.79
O5 GLF E . 25.93 23.11 10.22
O6 GLF E . 28.30 22.21 11.58
C1 GLC E . 24.86 18.70 11.33
C2 GLC E . 23.77 17.90 11.99
C3 GLC E . 24.05 17.79 13.47
C4 GLC E . 25.43 17.22 13.67
C5 GLC E . 26.47 18.09 12.99
C6 GLC E . 27.84 17.51 13.12
O2 GLC E . 22.53 18.55 11.78
O3 GLC E . 23.12 16.91 14.11
O4 GLC E . 25.70 17.23 15.09
O5 GLC E . 26.14 18.16 11.60
O6 GLC E . 28.80 18.34 12.47
C1 G4D E . 25.76 15.98 15.73
C2 G4D E . 25.07 16.13 17.05
C3 G4D E . 25.78 17.18 17.88
C4 G4D E . 27.26 16.90 18.00
C5 G4D E . 27.89 16.58 16.67
C6 G4D E . 29.27 16.01 16.83
O2 G4D E . 23.73 16.55 16.82
O3 G4D E . 25.22 17.24 19.20
O5 G4D E . 27.12 15.62 15.93
O6 G4D E . 29.32 14.64 16.39
CA CA F . -7.89 -0.47 -27.11
CA CA G . -18.08 0.63 2.80
C1 MPD H . -13.10 -23.02 2.96
C2 MPD H . -12.04 -22.15 3.64
O2 MPD H . -11.37 -21.45 2.55
CM MPD H . -10.97 -23.00 4.33
C3 MPD H . -12.54 -21.16 4.57
C4 MPD H . -11.54 -20.37 5.39
O4 MPD H . -10.64 -19.74 4.49
C5 MPD H . -12.00 -19.43 6.33
#